data_4ZWC
#
_entry.id   4ZWC
#
_cell.length_a   78.109
_cell.length_b   121.880
_cell.length_c   96.078
_cell.angle_alpha   90.00
_cell.angle_beta   108.14
_cell.angle_gamma   90.00
#
_symmetry.space_group_name_H-M   'P 1 21 1'
#
loop_
_entity.id
_entity.type
_entity.pdbx_description
1 polymer 'Solute carrier family 2, facilitated glucose transporter member 3'
2 branched alpha-D-glucopyranose-(1-4)-alpha-D-glucopyranose
3 non-polymer '(2R)-2,3-dihydroxypropyl (9Z)-octadec-9-enoate'
4 water water
#
_entity_poly.entity_id   1
_entity_poly.type   'polypeptide(L)'
_entity_poly.pdbx_seq_one_letter_code
;MHHHHHHHHHHSGDEVDAGSGHMGTQKVTPALIFAITVATIGSFQFGYNTGVINAPEKIIKEFITKTLTDKGNAPPSEVL
LTSLWSLSVAIFSVGGMIGSFSVGLFVNRFGRRNSMLIVNLLAVTGGCFMGLCKVAKSVEMLILGRLVIGLFCGLCTGFV
PMYIGEISPTALRGAFGTLNQLGIVVGILVAQIFGLEFILGSEELWPLLLGFTILPAILQSAALPFCPESPRFLLINRKE
EENAKQILQRLWGTQDVSQDIQEMKDESARMSQEKQVTVLELFRVSSYRQPIIISIVLQLSQQLSGINAVFYYSTGIFKD
AGVQEPIYATIGAGVVNTIFTVVSLFLVERAGRRTLHMIGLGGMAFCSTLMTVSLLLKDNYNGMSFVCIGAILVFVAFFE
IGPGPIPWFIVAELFSQGPRPAAMAVAGCSNWTSNFLVGLLFPSAAHYLGAYVFIIFTGFLITFLAFTFFKVPETRGRTF
EDITRAFEGQAHGADRSGKDGVMEMNSIEPAKETTTNV
;
_entity_poly.pdbx_strand_id   A,B
#
# COMPACT_ATOMS: atom_id res chain seq x y z
N THR A 25 52.76 -21.80 40.30
CA THR A 25 53.72 -22.18 39.27
C THR A 25 53.12 -23.18 38.28
N GLN A 26 52.43 -22.64 37.27
CA GLN A 26 51.95 -23.42 36.13
C GLN A 26 52.03 -22.60 34.83
N LYS A 27 52.92 -23.04 33.96
CA LYS A 27 52.99 -22.50 32.61
C LYS A 27 51.78 -23.00 31.81
N VAL A 28 51.70 -22.57 30.56
CA VAL A 28 50.75 -23.15 29.64
C VAL A 28 51.51 -24.12 28.75
N THR A 29 51.13 -25.39 28.78
CA THR A 29 51.83 -26.37 27.95
C THR A 29 51.20 -26.48 26.57
N PRO A 30 52.05 -26.75 25.57
CA PRO A 30 51.61 -27.11 24.21
C PRO A 30 50.43 -28.10 24.19
N ALA A 31 50.41 -29.05 25.12
CA ALA A 31 49.34 -30.05 25.20
C ALA A 31 48.00 -29.43 25.65
N LEU A 32 48.05 -28.49 26.59
CA LEU A 32 46.85 -27.77 26.99
C LEU A 32 46.29 -26.89 25.87
N ILE A 33 47.17 -26.18 25.17
CA ILE A 33 46.77 -25.33 24.05
C ILE A 33 46.19 -26.15 22.91
N PHE A 34 46.80 -27.29 22.63
CA PHE A 34 46.33 -28.24 21.63
C PHE A 34 44.94 -28.77 21.93
N ALA A 35 44.71 -29.09 23.20
CA ALA A 35 43.43 -29.65 23.60
C ALA A 35 42.31 -28.63 23.38
N ILE A 36 42.52 -27.41 23.86
CA ILE A 36 41.48 -26.41 23.84
C ILE A 36 41.22 -25.97 22.40
N THR A 37 42.28 -25.80 21.63
CA THR A 37 42.20 -25.46 20.20
C THR A 37 41.42 -26.49 19.37
N VAL A 38 41.64 -27.76 19.65
CA VAL A 38 40.94 -28.80 18.93
C VAL A 38 39.46 -28.81 19.29
N ALA A 39 39.17 -28.61 20.57
CA ALA A 39 37.78 -28.42 21.00
C ALA A 39 37.10 -27.23 20.30
N THR A 40 37.82 -26.13 20.06
CA THR A 40 37.19 -24.96 19.47
C THR A 40 37.00 -25.10 17.96
N ILE A 41 37.43 -26.22 17.38
CA ILE A 41 36.98 -26.55 16.02
C ILE A 41 35.44 -26.63 15.97
N GLY A 42 34.82 -27.01 17.10
CA GLY A 42 33.38 -27.04 17.23
C GLY A 42 32.80 -25.65 17.06
N SER A 43 33.45 -24.64 17.65
CA SER A 43 33.06 -23.24 17.57
C SER A 43 33.15 -22.69 16.14
N PHE A 44 34.28 -22.96 15.48
CA PHE A 44 34.45 -22.67 14.05
C PHE A 44 33.31 -23.31 13.22
N GLN A 45 32.96 -24.55 13.52
CA GLN A 45 31.83 -25.20 12.85
C GLN A 45 30.54 -24.39 12.99
N PHE A 46 30.27 -23.89 14.21
CA PHE A 46 29.03 -23.15 14.47
C PHE A 46 29.03 -21.83 13.71
N GLY A 47 30.14 -21.08 13.79
CA GLY A 47 30.30 -19.87 13.00
C GLY A 47 30.19 -20.08 11.47
N TYR A 48 30.86 -21.10 10.96
CA TYR A 48 30.84 -21.35 9.52
C TYR A 48 29.40 -21.67 9.06
N ASN A 49 28.70 -22.55 9.76
CA ASN A 49 27.39 -22.92 9.27
C ASN A 49 26.37 -21.79 9.43
N THR A 50 26.54 -20.96 10.45
CA THR A 50 25.69 -19.79 10.63
C THR A 50 25.85 -18.78 9.49
N GLY A 51 27.10 -18.51 9.13
CA GLY A 51 27.38 -17.49 8.15
C GLY A 51 27.48 -17.90 6.68
N VAL A 52 27.56 -19.21 6.42
CA VAL A 52 27.74 -19.66 5.03
C VAL A 52 26.46 -19.55 4.19
N ILE A 53 25.30 -19.43 4.81
CA ILE A 53 24.06 -19.56 4.08
C ILE A 53 23.67 -18.33 3.24
N ASN A 54 24.11 -17.14 3.65
CA ASN A 54 23.69 -15.88 3.01
C ASN A 54 24.17 -15.64 1.56
N ALA A 55 25.47 -15.77 1.30
CA ALA A 55 26.01 -15.50 -0.04
C ALA A 55 25.39 -16.34 -1.18
N PRO A 56 25.26 -17.69 -1.02
CA PRO A 56 24.80 -18.51 -2.14
C PRO A 56 23.29 -18.50 -2.42
N GLU A 57 22.56 -17.61 -1.76
CA GLU A 57 21.09 -17.59 -1.85
C GLU A 57 20.54 -17.71 -3.28
N LYS A 58 21.01 -16.87 -4.19
CA LYS A 58 20.45 -16.80 -5.53
C LYS A 58 20.87 -17.97 -6.40
N ILE A 59 22.11 -18.43 -6.26
CA ILE A 59 22.58 -19.65 -6.92
C ILE A 59 21.75 -20.88 -6.50
N ILE A 60 21.38 -20.93 -5.23
CA ILE A 60 20.65 -22.08 -4.72
C ILE A 60 19.19 -22.02 -5.15
N LYS A 61 18.64 -20.80 -5.23
CA LYS A 61 17.28 -20.59 -5.75
C LYS A 61 17.13 -21.02 -7.22
N GLU A 62 18.13 -20.73 -8.05
CA GLU A 62 18.16 -21.22 -9.41
C GLU A 62 18.29 -22.73 -9.43
N PHE A 63 19.02 -23.27 -8.47
CA PHE A 63 19.13 -24.72 -8.33
C PHE A 63 17.77 -25.35 -8.02
N ILE A 64 17.03 -24.74 -7.09
CA ILE A 64 15.69 -25.21 -6.73
C ILE A 64 14.76 -25.15 -7.95
N THR A 65 14.84 -24.06 -8.71
CA THR A 65 14.03 -23.89 -9.93
C THR A 65 14.35 -24.95 -10.99
N LYS A 66 15.62 -25.21 -11.21
CA LYS A 66 16.03 -26.25 -12.13
C LYS A 66 15.59 -27.66 -11.69
N THR A 67 15.72 -27.96 -10.38
CA THR A 67 15.41 -29.29 -9.84
C THR A 67 13.94 -29.62 -9.96
N LEU A 68 13.07 -28.72 -9.49
CA LEU A 68 11.63 -28.94 -9.59
C LEU A 68 11.18 -29.10 -11.02
N THR A 69 11.71 -28.24 -11.87
CA THR A 69 11.20 -28.10 -13.22
C THR A 69 11.67 -29.27 -14.09
N ASP A 70 12.77 -29.91 -13.69
CA ASP A 70 13.26 -31.10 -14.38
C ASP A 70 12.53 -32.36 -13.91
N LYS A 71 11.91 -32.30 -12.74
CA LYS A 71 11.04 -33.37 -12.26
C LYS A 71 9.58 -33.17 -12.68
N GLY A 72 9.34 -32.21 -13.57
CA GLY A 72 8.04 -32.04 -14.18
C GLY A 72 7.01 -31.17 -13.47
N ASN A 73 7.45 -30.28 -12.59
CA ASN A 73 6.55 -29.28 -12.01
C ASN A 73 6.60 -28.02 -12.86
N ALA A 74 5.66 -27.11 -12.65
CA ALA A 74 5.76 -25.79 -13.27
C ALA A 74 6.87 -25.02 -12.55
N PRO A 75 7.53 -24.05 -13.25
CA PRO A 75 8.57 -23.27 -12.58
C PRO A 75 7.99 -22.60 -11.37
N PRO A 76 8.67 -22.70 -10.22
CA PRO A 76 8.19 -22.08 -8.98
C PRO A 76 8.18 -20.54 -9.07
N SER A 77 7.22 -19.92 -8.38
CA SER A 77 7.16 -18.47 -8.27
C SER A 77 8.18 -17.96 -7.25
N GLU A 78 8.37 -16.64 -7.19
CA GLU A 78 9.23 -16.03 -6.18
C GLU A 78 8.77 -16.35 -4.76
N VAL A 79 7.45 -16.36 -4.58
CA VAL A 79 6.82 -16.69 -3.31
C VAL A 79 7.22 -18.08 -2.83
N LEU A 80 7.20 -19.05 -3.75
CA LEU A 80 7.58 -20.41 -3.41
C LEU A 80 9.09 -20.49 -3.10
N LEU A 81 9.89 -19.80 -3.91
CA LEU A 81 11.33 -19.81 -3.74
C LEU A 81 11.73 -19.18 -2.41
N THR A 82 11.10 -18.07 -2.07
CA THR A 82 11.32 -17.40 -0.80
C THR A 82 10.96 -18.32 0.36
N SER A 83 9.87 -19.06 0.17
CA SER A 83 9.37 -20.03 1.15
C SER A 83 10.36 -21.20 1.40
N LEU A 84 10.87 -21.79 0.32
CA LEU A 84 11.78 -22.92 0.42
C LEU A 84 13.15 -22.47 0.93
N TRP A 85 13.62 -21.32 0.45
CA TRP A 85 14.87 -20.75 0.91
C TRP A 85 14.82 -20.45 2.41
N SER A 86 13.75 -19.76 2.82
CA SER A 86 13.56 -19.38 4.22
C SER A 86 13.56 -20.59 5.15
N LEU A 87 13.09 -21.72 4.64
CA LEU A 87 13.06 -22.97 5.39
C LEU A 87 14.47 -23.59 5.51
N SER A 88 15.23 -23.52 4.41
CA SER A 88 16.65 -23.91 4.38
C SER A 88 17.47 -23.15 5.42
N VAL A 89 17.24 -21.84 5.48
CA VAL A 89 17.92 -20.98 6.44
C VAL A 89 17.50 -21.38 7.84
N ALA A 90 16.20 -21.25 8.11
CA ALA A 90 15.68 -21.34 9.47
C ALA A 90 15.74 -22.73 10.11
N ILE A 91 15.70 -23.81 9.33
CA ILE A 91 15.60 -25.11 9.98
C ILE A 91 16.92 -25.45 10.72
N PHE A 92 17.97 -24.70 10.39
CA PHE A 92 19.24 -24.74 11.14
C PHE A 92 19.01 -24.36 12.61
N SER A 93 18.26 -23.28 12.83
CA SER A 93 18.03 -22.77 14.18
C SER A 93 17.21 -23.74 15.02
N VAL A 94 16.20 -24.34 14.40
CA VAL A 94 15.41 -25.37 15.04
C VAL A 94 16.30 -26.52 15.50
N GLY A 95 17.18 -27.01 14.62
CA GLY A 95 18.18 -28.00 15.02
C GLY A 95 19.05 -27.52 16.17
N GLY A 96 19.51 -26.28 16.11
CA GLY A 96 20.33 -25.70 17.18
C GLY A 96 19.62 -25.59 18.52
N MET A 97 18.32 -25.34 18.47
CA MET A 97 17.53 -25.29 19.69
C MET A 97 17.48 -26.67 20.31
N ILE A 98 17.17 -27.66 19.49
CA ILE A 98 17.11 -29.03 19.97
C ILE A 98 18.48 -29.54 20.39
N GLY A 99 19.46 -29.48 19.50
CA GLY A 99 20.80 -29.91 19.82
C GLY A 99 21.34 -29.36 21.13
N SER A 100 21.23 -28.06 21.34
CA SER A 100 21.79 -27.44 22.54
C SER A 100 21.05 -27.86 23.81
N PHE A 101 19.73 -28.00 23.72
CA PHE A 101 18.94 -28.43 24.88
C PHE A 101 19.22 -29.90 25.27
N SER A 102 19.77 -30.69 24.35
CA SER A 102 20.01 -32.12 24.62
C SER A 102 21.42 -32.43 25.10
N VAL A 103 22.24 -31.40 25.32
CA VAL A 103 23.63 -31.63 25.76
C VAL A 103 23.70 -32.49 27.01
N GLY A 104 22.64 -32.49 27.81
CA GLY A 104 22.65 -33.21 29.06
C GLY A 104 22.38 -34.69 28.90
N LEU A 105 21.97 -35.10 27.69
CA LEU A 105 21.87 -36.53 27.33
C LEU A 105 23.24 -37.16 26.99
N PHE A 106 24.26 -36.33 26.80
CA PHE A 106 25.57 -36.82 26.34
C PHE A 106 26.68 -36.72 27.36
N VAL A 107 26.85 -35.56 28.00
CA VAL A 107 28.14 -35.26 28.61
C VAL A 107 28.43 -36.05 29.87
N ASN A 108 27.38 -36.47 30.57
CA ASN A 108 27.59 -37.31 31.76
C ASN A 108 27.70 -38.78 31.42
N ARG A 109 26.99 -39.19 30.38
CA ARG A 109 26.94 -40.60 30.02
C ARG A 109 28.19 -40.99 29.23
N PHE A 110 28.71 -40.07 28.41
CA PHE A 110 29.83 -40.40 27.50
C PHE A 110 31.12 -39.71 27.91
N GLY A 111 31.01 -38.67 28.75
CA GLY A 111 32.12 -37.79 29.05
C GLY A 111 32.13 -36.69 28.02
N ARG A 112 32.88 -35.62 28.29
CA ARG A 112 32.91 -34.43 27.45
C ARG A 112 33.67 -34.67 26.16
N ARG A 113 34.93 -35.12 26.23
CA ARG A 113 35.67 -35.33 24.99
C ARG A 113 35.01 -36.41 24.09
N ASN A 114 34.58 -37.54 24.67
CA ASN A 114 34.00 -38.62 23.88
C ASN A 114 32.72 -38.16 23.19
N SER A 115 31.95 -37.33 23.89
CA SER A 115 30.77 -36.71 23.27
C SER A 115 31.13 -36.01 21.96
N MET A 116 32.30 -35.35 21.92
CA MET A 116 32.70 -34.61 20.73
C MET A 116 33.03 -35.57 19.61
N LEU A 117 33.68 -36.67 19.97
CA LEU A 117 34.03 -37.74 19.02
C LEU A 117 32.77 -38.38 18.41
N ILE A 118 31.74 -38.55 19.23
CA ILE A 118 30.48 -39.13 18.77
C ILE A 118 29.66 -38.20 17.83
N VAL A 119 29.48 -36.92 18.18
CA VAL A 119 28.58 -36.07 17.40
C VAL A 119 29.18 -35.63 16.06
N ASN A 120 30.45 -35.92 15.84
CA ASN A 120 31.05 -35.71 14.51
C ASN A 120 30.40 -36.58 13.42
N LEU A 121 29.80 -37.70 13.83
CA LEU A 121 28.98 -38.51 12.92
C LEU A 121 27.79 -37.72 12.36
N LEU A 122 27.20 -36.87 13.20
CA LEU A 122 26.18 -35.95 12.74
C LEU A 122 26.73 -34.89 11.75
N ALA A 123 27.93 -34.39 12.02
CA ALA A 123 28.51 -33.33 11.17
C ALA A 123 28.81 -33.86 9.77
N VAL A 124 29.42 -35.02 9.72
CA VAL A 124 29.72 -35.67 8.46
C VAL A 124 28.40 -35.98 7.73
N THR A 125 27.39 -36.43 8.45
CA THR A 125 26.09 -36.76 7.83
C THR A 125 25.37 -35.52 7.24
N GLY A 126 25.25 -34.46 8.03
CA GLY A 126 24.62 -33.24 7.55
C GLY A 126 25.39 -32.57 6.42
N GLY A 127 26.71 -32.55 6.53
CA GLY A 127 27.56 -32.09 5.44
C GLY A 127 27.49 -32.89 4.15
N CYS A 128 27.24 -34.19 4.26
CA CYS A 128 27.01 -35.03 3.08
C CYS A 128 25.64 -34.75 2.45
N PHE A 129 24.57 -34.69 3.26
CA PHE A 129 23.28 -34.28 2.71
C PHE A 129 23.42 -32.96 1.96
N MET A 130 23.97 -31.93 2.60
CA MET A 130 24.10 -30.64 1.91
C MET A 130 25.02 -30.71 0.70
N GLY A 131 26.11 -31.48 0.81
CA GLY A 131 27.11 -31.52 -0.23
C GLY A 131 26.69 -32.35 -1.43
N LEU A 132 25.72 -33.24 -1.22
CA LEU A 132 25.30 -34.16 -2.27
C LEU A 132 23.93 -33.83 -2.89
N CYS A 133 23.20 -32.90 -2.30
CA CYS A 133 21.83 -32.60 -2.74
C CYS A 133 21.76 -32.17 -4.20
N LYS A 134 22.82 -31.58 -4.74
CA LYS A 134 22.80 -31.16 -6.16
C LYS A 134 22.98 -32.32 -7.16
N VAL A 135 23.96 -33.20 -6.94
CA VAL A 135 24.16 -34.31 -7.88
C VAL A 135 23.01 -35.32 -7.70
N ALA A 136 22.40 -35.32 -6.52
CA ALA A 136 21.23 -36.14 -6.21
C ALA A 136 19.89 -35.46 -6.56
N LYS A 137 19.95 -34.28 -7.18
CA LYS A 137 18.75 -33.51 -7.55
C LYS A 137 17.63 -33.54 -6.51
N SER A 138 17.97 -33.18 -5.27
CA SER A 138 17.09 -33.27 -4.11
C SER A 138 17.09 -31.96 -3.30
N VAL A 139 15.97 -31.24 -3.31
CA VAL A 139 15.82 -30.07 -2.44
C VAL A 139 15.64 -30.52 -0.98
N GLU A 140 15.00 -31.68 -0.81
CA GLU A 140 14.74 -32.25 0.51
C GLU A 140 16.04 -32.54 1.26
N MET A 141 17.07 -33.03 0.54
CA MET A 141 18.39 -33.31 1.11
C MET A 141 19.10 -32.07 1.64
N LEU A 142 18.98 -30.97 0.91
CA LEU A 142 19.50 -29.69 1.36
C LEU A 142 18.88 -29.29 2.68
N ILE A 143 17.56 -29.43 2.80
CA ILE A 143 16.82 -28.97 3.99
C ILE A 143 17.08 -29.88 5.18
N LEU A 144 16.94 -31.18 4.95
CA LEU A 144 17.35 -32.21 5.89
C LEU A 144 18.76 -31.96 6.42
N GLY A 145 19.68 -31.70 5.49
CA GLY A 145 21.08 -31.47 5.83
C GLY A 145 21.30 -30.25 6.70
N ARG A 146 20.54 -29.20 6.44
CA ARG A 146 20.60 -28.01 7.29
C ARG A 146 20.05 -28.28 8.70
N LEU A 147 19.06 -29.17 8.83
CA LEU A 147 18.55 -29.52 10.16
C LEU A 147 19.55 -30.38 10.94
N VAL A 148 20.20 -31.31 10.24
CA VAL A 148 21.14 -32.21 10.89
C VAL A 148 22.42 -31.47 11.28
N ILE A 149 22.90 -30.55 10.43
CA ILE A 149 24.04 -29.72 10.81
C ILE A 149 23.68 -28.77 11.96
N GLY A 150 22.38 -28.46 12.08
CA GLY A 150 21.87 -27.65 13.18
C GLY A 150 21.88 -28.37 14.53
N LEU A 151 21.37 -29.60 14.55
CA LEU A 151 21.49 -30.48 15.71
C LEU A 151 22.94 -30.55 16.16
N PHE A 152 23.84 -30.88 15.22
CA PHE A 152 25.29 -30.91 15.49
C PHE A 152 25.82 -29.63 16.12
N CYS A 153 25.49 -28.48 15.53
CA CYS A 153 26.07 -27.23 15.99
C CYS A 153 25.53 -26.86 17.39
N GLY A 154 24.27 -27.17 17.66
CA GLY A 154 23.69 -26.95 18.97
C GLY A 154 24.37 -27.71 20.10
N LEU A 155 24.67 -28.98 19.84
CA LEU A 155 25.43 -29.81 20.76
C LEU A 155 26.85 -29.23 20.98
N CYS A 156 27.45 -28.75 19.90
CA CYS A 156 28.78 -28.09 20.00
C CYS A 156 28.77 -26.86 20.93
N THR A 157 27.80 -25.96 20.75
CA THR A 157 27.84 -24.72 21.51
C THR A 157 27.73 -25.00 23.01
N GLY A 158 27.28 -26.21 23.39
CA GLY A 158 27.26 -26.62 24.79
C GLY A 158 28.46 -27.45 25.25
N PHE A 159 28.97 -28.33 24.39
CA PHE A 159 30.14 -29.18 24.68
C PHE A 159 31.44 -28.39 24.84
N VAL A 160 31.69 -27.49 23.90
CA VAL A 160 32.97 -26.76 23.87
C VAL A 160 33.21 -25.89 25.15
N PRO A 161 32.28 -24.98 25.49
CA PRO A 161 32.51 -24.30 26.77
C PRO A 161 32.56 -25.19 28.04
N MET A 162 31.89 -26.34 28.04
CA MET A 162 31.92 -27.19 29.22
C MET A 162 33.32 -27.81 29.36
N TYR A 163 33.83 -28.33 28.25
CA TYR A 163 35.18 -28.88 28.22
C TYR A 163 36.23 -27.81 28.59
N ILE A 164 36.27 -26.70 27.83
CA ILE A 164 37.20 -25.60 28.09
C ILE A 164 37.13 -25.15 29.55
N GLY A 165 35.91 -24.89 30.03
CA GLY A 165 35.72 -24.48 31.42
C GLY A 165 36.20 -25.48 32.47
N GLU A 166 36.22 -26.77 32.13
CA GLU A 166 36.56 -27.77 33.13
C GLU A 166 38.03 -28.14 33.12
N ILE A 167 38.70 -27.99 31.98
CA ILE A 167 40.14 -28.22 31.91
C ILE A 167 41.02 -27.00 32.07
N SER A 168 40.45 -25.79 31.97
CA SER A 168 41.29 -24.60 32.07
C SER A 168 41.80 -24.40 33.49
N PRO A 169 43.08 -24.03 33.62
CA PRO A 169 43.61 -23.42 34.84
C PRO A 169 42.72 -22.24 35.29
N THR A 170 42.36 -22.20 36.57
CA THR A 170 41.44 -21.19 37.09
C THR A 170 41.76 -19.73 36.69
N ALA A 171 43.03 -19.36 36.67
CA ALA A 171 43.40 -17.98 36.34
C ALA A 171 43.30 -17.70 34.83
N LEU A 172 43.08 -18.72 34.01
CA LEU A 172 42.97 -18.48 32.58
C LEU A 172 41.62 -18.93 32.02
N ARG A 173 40.62 -19.12 32.89
CA ARG A 173 39.35 -19.73 32.49
C ARG A 173 38.60 -18.90 31.47
N GLY A 174 38.53 -17.60 31.72
CA GLY A 174 37.82 -16.73 30.80
C GLY A 174 38.63 -16.43 29.54
N ALA A 175 39.95 -16.43 29.65
CA ALA A 175 40.80 -16.17 28.50
C ALA A 175 40.64 -17.31 27.50
N PHE A 176 40.97 -18.51 27.96
CA PHE A 176 40.70 -19.72 27.19
C PHE A 176 39.23 -19.78 26.76
N GLY A 177 38.31 -19.41 27.64
CA GLY A 177 36.90 -19.40 27.27
C GLY A 177 36.53 -18.47 26.12
N THR A 178 37.34 -17.42 25.89
CA THR A 178 37.10 -16.46 24.80
C THR A 178 37.47 -17.07 23.42
N LEU A 179 38.32 -18.10 23.41
CA LEU A 179 38.68 -18.78 22.15
C LEU A 179 37.45 -19.39 21.51
N ASN A 180 36.43 -19.65 22.34
CA ASN A 180 35.16 -20.14 21.84
C ASN A 180 34.53 -19.15 20.87
N GLN A 181 34.37 -17.91 21.33
CA GLN A 181 33.77 -16.86 20.50
C GLN A 181 34.68 -16.50 19.34
N LEU A 182 36.00 -16.59 19.56
CA LEU A 182 36.96 -16.34 18.50
C LEU A 182 36.83 -17.39 17.40
N GLY A 183 36.69 -18.66 17.79
CA GLY A 183 36.36 -19.71 16.85
C GLY A 183 35.09 -19.43 16.06
N ILE A 184 34.03 -19.03 16.76
CA ILE A 184 32.79 -18.65 16.07
C ILE A 184 32.99 -17.54 15.03
N VAL A 185 33.60 -16.43 15.41
CA VAL A 185 33.67 -15.29 14.48
C VAL A 185 34.60 -15.60 13.31
N VAL A 186 35.64 -16.40 13.53
CA VAL A 186 36.54 -16.77 12.44
C VAL A 186 35.80 -17.69 11.46
N GLY A 187 35.08 -18.67 11.98
CA GLY A 187 34.16 -19.49 11.19
C GLY A 187 33.23 -18.66 10.31
N ILE A 188 32.62 -17.62 10.89
CA ILE A 188 31.75 -16.76 10.12
C ILE A 188 32.55 -16.09 9.00
N LEU A 189 33.72 -15.54 9.34
CA LEU A 189 34.54 -14.79 8.37
C LEU A 189 34.97 -15.68 7.20
N VAL A 190 35.40 -16.90 7.51
CA VAL A 190 35.82 -17.87 6.50
C VAL A 190 34.63 -18.28 5.60
N ALA A 191 33.45 -18.41 6.18
CA ALA A 191 32.24 -18.76 5.39
C ALA A 191 31.95 -17.70 4.33
N GLN A 192 32.10 -16.44 4.72
CA GLN A 192 31.88 -15.32 3.82
C GLN A 192 32.96 -15.21 2.74
N ILE A 193 34.23 -15.31 3.12
CA ILE A 193 35.32 -15.38 2.12
C ILE A 193 35.07 -16.49 1.09
N PHE A 194 34.84 -17.71 1.58
CA PHE A 194 34.63 -18.88 0.69
C PHE A 194 33.48 -18.63 -0.28
N GLY A 195 32.46 -17.89 0.19
CA GLY A 195 31.27 -17.60 -0.58
C GLY A 195 31.45 -16.63 -1.73
N LEU A 196 32.63 -16.01 -1.82
CA LEU A 196 32.96 -15.19 -2.98
C LEU A 196 32.90 -16.06 -4.23
N GLU A 197 32.43 -15.48 -5.33
CA GLU A 197 32.06 -16.25 -6.50
C GLU A 197 33.29 -16.87 -7.20
N PHE A 198 34.46 -16.32 -6.91
CA PHE A 198 35.69 -16.86 -7.49
C PHE A 198 36.42 -17.82 -6.53
N ILE A 199 35.83 -18.10 -5.37
CA ILE A 199 36.32 -19.17 -4.48
C ILE A 199 35.46 -20.43 -4.59
N LEU A 200 34.43 -20.55 -3.75
CA LEU A 200 33.51 -21.68 -3.82
C LEU A 200 32.08 -21.24 -4.12
N GLY A 201 31.84 -19.93 -4.18
CA GLY A 201 30.50 -19.41 -4.30
C GLY A 201 29.97 -19.30 -5.72
N SER A 202 29.96 -20.41 -6.44
CA SER A 202 29.55 -20.45 -7.84
C SER A 202 28.53 -21.54 -8.12
N GLU A 203 27.95 -21.50 -9.31
CA GLU A 203 26.92 -22.48 -9.64
C GLU A 203 27.51 -23.89 -9.69
N GLU A 204 28.80 -24.01 -10.01
CA GLU A 204 29.46 -25.31 -10.02
C GLU A 204 29.97 -25.75 -8.64
N LEU A 205 30.32 -24.81 -7.77
CA LEU A 205 31.00 -25.20 -6.54
C LEU A 205 30.26 -25.01 -5.21
N TRP A 206 29.09 -24.37 -5.21
CA TRP A 206 28.35 -24.19 -3.95
C TRP A 206 28.07 -25.51 -3.18
N PRO A 207 27.99 -26.68 -3.85
CA PRO A 207 27.91 -27.88 -2.99
C PRO A 207 29.12 -28.06 -2.04
N LEU A 208 30.31 -27.65 -2.48
CA LEU A 208 31.53 -27.75 -1.69
C LEU A 208 31.62 -26.66 -0.66
N LEU A 209 30.99 -25.53 -0.95
CA LEU A 209 30.86 -24.45 0.03
C LEU A 209 30.08 -24.95 1.22
N LEU A 210 29.02 -25.73 0.94
CA LEU A 210 28.16 -26.28 2.00
C LEU A 210 28.72 -27.55 2.63
N GLY A 211 29.37 -28.39 1.82
CA GLY A 211 29.86 -29.68 2.29
C GLY A 211 31.18 -29.51 3.01
N PHE A 212 31.77 -28.32 2.86
CA PHE A 212 33.05 -28.03 3.47
C PHE A 212 33.06 -28.35 4.97
N THR A 213 31.91 -28.21 5.61
CA THR A 213 31.78 -28.48 7.03
C THR A 213 32.29 -29.88 7.49
N ILE A 214 32.33 -30.88 6.61
CA ILE A 214 32.78 -32.21 7.04
C ILE A 214 34.32 -32.28 7.22
N LEU A 215 35.07 -31.38 6.58
CA LEU A 215 36.52 -31.41 6.71
C LEU A 215 37.02 -31.01 8.13
N PRO A 216 36.51 -29.89 8.69
CA PRO A 216 36.85 -29.67 10.11
C PRO A 216 36.44 -30.84 11.02
N ALA A 217 35.33 -31.50 10.73
CA ALA A 217 34.86 -32.64 11.54
C ALA A 217 35.82 -33.83 11.43
N ILE A 218 36.20 -34.14 10.21
CA ILE A 218 37.20 -35.16 9.91
C ILE A 218 38.51 -34.83 10.63
N LEU A 219 38.90 -33.55 10.59
CA LEU A 219 40.12 -33.04 11.25
C LEU A 219 40.06 -33.15 12.77
N GLN A 220 38.93 -32.78 13.35
CA GLN A 220 38.74 -32.89 14.79
C GLN A 220 38.70 -34.33 15.31
N SER A 221 38.09 -35.25 14.57
CA SER A 221 38.06 -36.66 15.00
C SER A 221 39.45 -37.31 14.95
N ALA A 222 40.31 -36.78 14.09
CA ALA A 222 41.66 -37.29 13.98
C ALA A 222 42.50 -36.85 15.18
N ALA A 223 42.14 -35.70 15.74
CA ALA A 223 43.00 -35.06 16.73
C ALA A 223 42.48 -35.29 18.12
N LEU A 224 41.17 -35.46 18.27
CA LEU A 224 40.54 -35.66 19.59
C LEU A 224 41.10 -36.83 20.41
N PRO A 225 41.61 -37.91 19.76
CA PRO A 225 42.29 -38.94 20.57
C PRO A 225 43.57 -38.47 21.26
N PHE A 226 44.14 -37.34 20.85
CA PHE A 226 45.32 -36.81 21.53
C PHE A 226 44.94 -35.73 22.57
N CYS A 227 43.64 -35.57 22.81
CA CYS A 227 43.18 -34.61 23.80
C CYS A 227 42.59 -35.39 24.99
N PRO A 228 43.10 -35.13 26.20
CA PRO A 228 42.58 -35.95 27.30
C PRO A 228 41.17 -35.53 27.68
N GLU A 229 40.42 -36.43 28.30
CA GLU A 229 39.23 -35.98 29.01
C GLU A 229 39.74 -35.14 30.17
N SER A 230 38.96 -34.13 30.57
CA SER A 230 39.41 -33.20 31.61
C SER A 230 39.59 -33.91 32.96
N PRO A 231 40.74 -33.69 33.57
CA PRO A 231 41.04 -34.18 34.92
C PRO A 231 39.88 -33.97 35.90
N ARG A 232 39.14 -32.88 35.76
CA ARG A 232 37.98 -32.62 36.62
C ARG A 232 36.89 -33.66 36.46
N PHE A 233 36.46 -33.93 35.23
CA PHE A 233 35.47 -34.97 34.99
C PHE A 233 35.97 -36.36 35.46
N LEU A 234 37.22 -36.69 35.15
CA LEU A 234 37.81 -37.95 35.61
C LEU A 234 37.77 -38.13 37.13
N LEU A 235 38.16 -37.11 37.88
CA LEU A 235 38.21 -37.24 39.32
C LEU A 235 36.82 -37.15 39.92
N ILE A 236 36.01 -36.20 39.45
CA ILE A 236 34.72 -35.96 40.10
C ILE A 236 33.67 -36.97 39.66
N ASN A 237 33.45 -37.12 38.35
CA ASN A 237 32.35 -37.98 37.87
C ASN A 237 32.71 -39.48 37.81
N ARG A 238 34.00 -39.81 37.63
CA ARG A 238 34.44 -41.21 37.53
C ARG A 238 35.30 -41.69 38.71
N LYS A 239 35.62 -40.79 39.64
CA LYS A 239 36.43 -41.11 40.83
C LYS A 239 37.79 -41.74 40.47
N GLU A 240 38.37 -41.28 39.36
CA GLU A 240 39.67 -41.75 38.89
C GLU A 240 40.79 -40.81 39.30
N GLU A 241 41.06 -40.72 40.60
CA GLU A 241 42.00 -39.73 41.11
C GLU A 241 43.42 -39.80 40.54
N GLU A 242 44.05 -40.96 40.59
CA GLU A 242 45.47 -41.00 40.26
C GLU A 242 45.74 -40.85 38.76
N ASN A 243 44.70 -41.04 37.95
CA ASN A 243 44.85 -40.87 36.52
C ASN A 243 44.48 -39.45 36.10
N ALA A 244 43.61 -38.81 36.88
CA ALA A 244 43.39 -37.38 36.74
C ALA A 244 44.67 -36.62 37.04
N LYS A 245 45.40 -37.08 38.07
CA LYS A 245 46.61 -36.39 38.53
C LYS A 245 47.72 -36.46 37.48
N GLN A 246 47.79 -37.59 36.77
CA GLN A 246 48.79 -37.76 35.73
C GLN A 246 48.48 -36.90 34.49
N ILE A 247 47.21 -36.82 34.11
CA ILE A 247 46.77 -35.91 33.05
C ILE A 247 47.15 -34.47 33.43
N LEU A 248 46.78 -34.07 34.64
CA LEU A 248 47.04 -32.72 35.17
C LEU A 248 48.51 -32.31 35.09
N GLN A 249 49.39 -33.23 35.50
CA GLN A 249 50.80 -32.96 35.52
C GLN A 249 51.33 -32.67 34.11
N ARG A 250 50.80 -33.34 33.08
CA ARG A 250 51.22 -33.08 31.70
C ARG A 250 50.61 -31.78 31.12
N LEU A 251 49.34 -31.52 31.41
CA LEU A 251 48.68 -30.34 30.88
C LEU A 251 49.29 -29.06 31.47
N TRP A 252 49.72 -29.14 32.72
CA TRP A 252 50.24 -28.01 33.46
C TRP A 252 51.74 -27.83 33.27
N GLY A 253 52.45 -28.94 33.08
CA GLY A 253 53.90 -28.97 32.88
C GLY A 253 54.66 -29.01 34.18
N THR A 254 53.95 -29.32 35.26
CA THR A 254 54.56 -29.40 36.59
C THR A 254 54.12 -30.69 37.26
N GLN A 255 54.74 -31.05 38.37
CA GLN A 255 54.34 -32.26 39.11
C GLN A 255 53.70 -31.95 40.45
N ASP A 256 53.99 -30.77 41.00
CA ASP A 256 53.19 -30.27 42.10
C ASP A 256 51.84 -29.83 41.55
N VAL A 257 50.81 -30.63 41.78
CA VAL A 257 49.47 -30.29 41.35
C VAL A 257 48.55 -30.47 42.56
N SER A 258 49.06 -30.04 43.71
CA SER A 258 48.48 -30.33 45.02
C SER A 258 47.25 -29.52 45.39
N GLN A 259 47.40 -28.19 45.45
CA GLN A 259 46.29 -27.27 45.68
C GLN A 259 45.06 -27.64 44.86
N ASP A 260 45.34 -28.13 43.67
CA ASP A 260 44.38 -28.21 42.62
C ASP A 260 43.76 -29.60 42.50
N ILE A 261 44.52 -30.65 42.80
CA ILE A 261 43.92 -31.95 42.95
C ILE A 261 42.89 -31.89 44.08
N GLN A 262 43.22 -31.27 45.20
CA GLN A 262 42.25 -31.33 46.27
C GLN A 262 41.06 -30.39 46.11
N GLU A 263 41.24 -29.28 45.44
CA GLU A 263 40.12 -28.43 45.17
C GLU A 263 39.15 -29.24 44.34
N MET A 264 39.65 -30.05 43.41
CA MET A 264 38.87 -31.03 42.66
C MET A 264 38.29 -32.10 43.58
N LYS A 265 39.07 -32.53 44.57
CA LYS A 265 38.57 -33.42 45.61
C LYS A 265 37.47 -32.77 46.45
N ASP A 266 37.56 -31.45 46.66
CA ASP A 266 36.51 -30.71 47.36
C ASP A 266 35.23 -30.68 46.55
N GLU A 267 35.35 -30.46 45.25
CA GLU A 267 34.21 -30.51 44.34
C GLU A 267 33.66 -31.94 44.26
N SER A 268 34.55 -32.93 44.29
CA SER A 268 34.09 -34.31 44.29
C SER A 268 33.29 -34.61 45.56
N ALA A 269 33.78 -34.13 46.70
CA ALA A 269 33.08 -34.29 47.97
C ALA A 269 31.74 -33.60 47.90
N ARG A 270 31.76 -32.32 47.54
CA ARG A 270 30.54 -31.55 47.29
C ARG A 270 29.55 -32.30 46.40
N MET A 271 30.00 -32.89 45.31
CA MET A 271 29.05 -33.50 44.37
C MET A 271 28.41 -34.79 44.92
N SER A 272 29.14 -35.56 45.70
CA SER A 272 28.57 -36.78 46.27
C SER A 272 27.61 -36.47 47.42
N GLN A 273 27.53 -35.20 47.81
CA GLN A 273 26.56 -34.78 48.82
C GLN A 273 25.32 -34.13 48.19
N GLU A 274 25.33 -33.95 46.87
CA GLU A 274 24.18 -33.36 46.19
C GLU A 274 23.43 -34.35 45.31
N LYS A 275 22.10 -34.30 45.40
CA LYS A 275 21.23 -34.87 44.37
C LYS A 275 21.50 -34.08 43.11
N GLN A 276 21.83 -34.72 41.99
CA GLN A 276 22.10 -33.91 40.82
C GLN A 276 20.82 -33.58 40.05
N VAL A 277 20.97 -32.63 39.13
CA VAL A 277 19.92 -31.70 38.81
C VAL A 277 19.27 -31.92 37.43
N THR A 278 17.95 -31.96 37.39
CA THR A 278 17.25 -31.87 36.11
C THR A 278 16.97 -30.41 35.75
N VAL A 279 16.57 -30.18 34.51
CA VAL A 279 16.28 -28.83 34.03
C VAL A 279 15.22 -28.17 34.91
N LEU A 280 14.19 -28.92 35.27
CA LEU A 280 13.11 -28.42 36.14
C LEU A 280 13.61 -28.11 37.54
N GLU A 281 14.49 -28.96 38.05
CA GLU A 281 15.09 -28.76 39.37
C GLU A 281 15.88 -27.46 39.52
N LEU A 282 16.53 -27.01 38.45
CA LEU A 282 17.23 -25.72 38.49
C LEU A 282 16.34 -24.61 38.98
N PHE A 283 15.06 -24.70 38.63
CA PHE A 283 14.15 -23.61 38.85
C PHE A 283 13.45 -23.68 40.22
N ARG A 284 13.49 -24.84 40.85
CA ARG A 284 12.86 -24.99 42.14
C ARG A 284 13.87 -24.84 43.28
N VAL A 285 15.12 -25.18 43.01
CA VAL A 285 16.18 -25.02 44.01
C VAL A 285 16.57 -23.54 44.11
N SER A 286 16.82 -23.08 45.32
CA SER A 286 16.97 -21.67 45.59
C SER A 286 18.39 -21.21 45.35
N SER A 287 19.35 -22.09 45.58
CA SER A 287 20.75 -21.76 45.34
C SER A 287 21.07 -21.59 43.88
N TYR A 288 20.18 -22.08 43.02
CA TYR A 288 20.43 -22.11 41.58
C TYR A 288 19.68 -20.99 40.84
N ARG A 289 18.68 -20.42 41.50
CA ARG A 289 17.71 -19.66 40.75
C ARG A 289 18.32 -18.36 40.23
N GLN A 290 19.17 -17.72 41.01
CA GLN A 290 19.76 -16.51 40.48
C GLN A 290 20.97 -16.76 39.56
N PRO A 291 21.79 -17.79 39.83
CA PRO A 291 22.74 -18.14 38.76
C PRO A 291 22.05 -18.45 37.42
N ILE A 292 20.88 -19.08 37.44
CA ILE A 292 20.28 -19.48 36.18
C ILE A 292 19.61 -18.25 35.54
N ILE A 293 19.19 -17.30 36.35
CA ILE A 293 18.64 -16.03 35.85
C ILE A 293 19.72 -15.13 35.28
N ILE A 294 20.87 -15.06 35.96
CA ILE A 294 22.03 -14.40 35.39
C ILE A 294 22.42 -15.05 34.04
N SER A 295 22.50 -16.38 34.04
CA SER A 295 22.88 -17.16 32.85
C SER A 295 22.03 -16.87 31.63
N ILE A 296 20.72 -16.75 31.83
CA ILE A 296 19.79 -16.58 30.74
C ILE A 296 19.70 -15.14 30.27
N VAL A 297 19.66 -14.21 31.23
CA VAL A 297 19.62 -12.79 30.91
C VAL A 297 20.89 -12.40 30.13
N LEU A 298 22.03 -12.96 30.51
CA LEU A 298 23.25 -12.67 29.75
C LEU A 298 23.12 -13.13 28.27
N GLN A 299 22.42 -14.24 28.02
CA GLN A 299 22.20 -14.70 26.64
C GLN A 299 21.32 -13.70 25.89
N LEU A 300 20.33 -13.15 26.60
CA LEU A 300 19.42 -12.18 25.99
C LEU A 300 20.16 -10.89 25.75
N SER A 301 21.09 -10.55 26.64
CA SER A 301 21.88 -9.34 26.45
C SER A 301 22.75 -9.48 25.19
N GLN A 302 23.02 -10.71 24.78
CA GLN A 302 23.77 -10.93 23.55
C GLN A 302 22.83 -10.85 22.32
N GLN A 303 21.75 -11.64 22.31
CA GLN A 303 20.88 -11.74 21.14
C GLN A 303 19.82 -10.61 21.02
N LEU A 304 19.66 -9.77 22.05
CA LEU A 304 18.74 -8.62 21.93
C LEU A 304 19.53 -7.33 22.04
N SER A 305 20.83 -7.45 21.87
CA SER A 305 21.74 -6.31 21.89
C SER A 305 21.45 -5.30 20.76
N GLY A 306 20.97 -5.81 19.63
CA GLY A 306 20.85 -5.04 18.43
C GLY A 306 21.78 -5.51 17.34
N ILE A 307 22.73 -6.40 17.66
CA ILE A 307 23.75 -6.86 16.70
C ILE A 307 23.12 -7.45 15.43
N ASN A 308 22.03 -8.18 15.59
CA ASN A 308 21.24 -8.72 14.47
C ASN A 308 20.77 -7.64 13.51
N ALA A 309 20.18 -6.57 14.07
CA ALA A 309 19.64 -5.43 13.32
C ALA A 309 20.72 -4.73 12.53
N VAL A 310 21.90 -4.67 13.12
CA VAL A 310 23.05 -4.04 12.51
C VAL A 310 23.52 -4.81 11.26
N PHE A 311 23.57 -6.14 11.33
CA PHE A 311 23.94 -6.96 10.16
C PHE A 311 22.89 -6.95 9.06
N TYR A 312 21.63 -7.05 9.46
CA TYR A 312 20.48 -6.91 8.56
C TYR A 312 20.55 -5.63 7.73
N TYR A 313 20.57 -4.50 8.42
CA TYR A 313 20.64 -3.20 7.79
C TYR A 313 21.96 -2.92 7.11
N SER A 314 23.01 -3.66 7.52
CA SER A 314 24.39 -3.33 7.11
C SER A 314 24.60 -3.34 5.61
N THR A 315 24.16 -4.42 4.95
CA THR A 315 24.37 -4.56 3.53
C THR A 315 23.63 -3.46 2.77
N GLY A 316 22.42 -3.15 3.22
CA GLY A 316 21.66 -2.05 2.64
C GLY A 316 22.31 -0.69 2.75
N ILE A 317 22.87 -0.36 3.92
CA ILE A 317 23.53 0.94 4.15
C ILE A 317 24.79 1.08 3.30
N PHE A 318 25.55 -0.01 3.17
CA PHE A 318 26.76 -0.02 2.34
C PHE A 318 26.47 0.30 0.87
N LYS A 319 25.50 -0.40 0.29
CA LYS A 319 25.11 -0.23 -1.11
C LYS A 319 24.66 1.20 -1.36
N ASP A 320 24.00 1.76 -0.35
CA ASP A 320 23.44 3.10 -0.37
C ASP A 320 24.59 4.13 -0.27
N ALA A 321 25.70 3.75 0.37
CA ALA A 321 26.86 4.63 0.53
C ALA A 321 27.91 4.49 -0.57
N GLY A 322 27.51 3.95 -1.72
CA GLY A 322 28.45 3.78 -2.83
C GLY A 322 29.49 2.72 -2.51
N VAL A 323 29.05 1.46 -2.58
CA VAL A 323 29.89 0.27 -2.43
C VAL A 323 29.15 -0.78 -3.25
N GLN A 324 29.51 -0.94 -4.52
CA GLN A 324 28.61 -1.62 -5.44
C GLN A 324 28.64 -3.13 -5.26
N GLU A 325 29.71 -3.64 -4.67
CA GLU A 325 29.72 -5.03 -4.22
C GLU A 325 30.04 -5.06 -2.74
N PRO A 326 28.97 -5.09 -1.92
CA PRO A 326 29.00 -4.88 -0.47
C PRO A 326 29.41 -6.11 0.36
N ILE A 327 29.79 -7.21 -0.29
CA ILE A 327 30.24 -8.38 0.45
C ILE A 327 31.61 -8.12 1.06
N TYR A 328 32.38 -7.23 0.43
CA TYR A 328 33.72 -6.90 0.89
C TYR A 328 33.73 -5.99 2.11
N ALA A 329 32.66 -5.21 2.28
CA ALA A 329 32.47 -4.44 3.50
C ALA A 329 31.97 -5.35 4.63
N THR A 330 31.18 -6.36 4.24
CA THR A 330 30.72 -7.39 5.15
C THR A 330 31.89 -8.22 5.69
N ILE A 331 32.84 -8.55 4.79
CA ILE A 331 34.09 -9.21 5.17
C ILE A 331 34.96 -8.30 6.02
N GLY A 332 35.02 -7.02 5.65
CA GLY A 332 35.73 -6.02 6.41
C GLY A 332 35.16 -5.88 7.81
N ALA A 333 33.84 -6.00 7.95
CA ALA A 333 33.25 -5.92 9.28
C ALA A 333 33.58 -7.20 10.09
N GLY A 334 33.72 -8.32 9.40
CA GLY A 334 34.14 -9.55 10.02
C GLY A 334 35.57 -9.49 10.54
N VAL A 335 36.40 -8.72 9.84
CA VAL A 335 37.76 -8.53 10.29
C VAL A 335 37.74 -7.77 11.62
N VAL A 336 36.96 -6.70 11.67
CA VAL A 336 36.80 -5.90 12.88
C VAL A 336 36.27 -6.77 13.99
N ASN A 337 35.26 -7.56 13.65
CA ASN A 337 34.67 -8.59 14.51
C ASN A 337 35.72 -9.52 15.16
N THR A 338 36.75 -9.86 14.40
CA THR A 338 37.78 -10.77 14.90
C THR A 338 38.76 -10.03 15.80
N ILE A 339 39.23 -8.87 15.33
CA ILE A 339 40.16 -8.02 16.06
C ILE A 339 39.73 -7.83 17.52
N PHE A 340 38.49 -7.40 17.72
CA PHE A 340 38.07 -7.03 19.05
C PHE A 340 37.65 -8.20 19.93
N THR A 341 37.49 -9.39 19.34
CA THR A 341 37.36 -10.60 20.14
C THR A 341 38.70 -10.91 20.77
N VAL A 342 39.80 -10.75 20.04
CA VAL A 342 41.09 -11.02 20.68
C VAL A 342 41.35 -9.97 21.75
N VAL A 343 40.89 -8.75 21.50
CA VAL A 343 41.13 -7.69 22.46
C VAL A 343 40.52 -8.07 23.80
N SER A 344 39.34 -8.68 23.73
CA SER A 344 38.60 -9.07 24.92
C SER A 344 39.30 -10.20 25.62
N LEU A 345 39.87 -11.10 24.83
CA LEU A 345 40.59 -12.24 25.34
C LEU A 345 41.73 -11.80 26.27
N PHE A 346 42.42 -10.74 25.88
CA PHE A 346 43.54 -10.23 26.65
C PHE A 346 43.11 -9.42 27.88
N LEU A 347 41.89 -8.87 27.83
CA LEU A 347 41.36 -8.03 28.90
C LEU A 347 40.56 -8.79 29.98
N VAL A 348 39.94 -9.92 29.62
CA VAL A 348 38.92 -10.53 30.48
C VAL A 348 39.44 -10.98 31.86
N GLU A 349 40.71 -11.34 31.96
CA GLU A 349 41.24 -11.80 33.25
C GLU A 349 41.69 -10.67 34.18
N ARG A 350 41.92 -9.46 33.65
CA ARG A 350 42.35 -8.32 34.48
C ARG A 350 41.19 -7.36 34.73
N ALA A 351 40.52 -6.95 33.66
CA ALA A 351 39.37 -6.05 33.74
C ALA A 351 38.16 -6.69 34.46
N GLY A 352 38.02 -8.01 34.32
CA GLY A 352 36.88 -8.73 34.86
C GLY A 352 35.74 -8.91 33.86
N ARG A 353 34.76 -9.73 34.22
CA ARG A 353 33.62 -9.98 33.34
C ARG A 353 32.62 -8.81 33.36
N ARG A 354 32.32 -8.33 34.57
CA ARG A 354 31.41 -7.20 34.76
C ARG A 354 31.80 -5.99 33.93
N THR A 355 33.07 -5.63 33.99
CA THR A 355 33.54 -4.42 33.37
C THR A 355 33.48 -4.54 31.85
N LEU A 356 33.93 -5.67 31.31
CA LEU A 356 33.94 -5.86 29.88
C LEU A 356 32.54 -5.94 29.29
N HIS A 357 31.62 -6.56 30.04
CA HIS A 357 30.26 -6.72 29.55
C HIS A 357 29.53 -5.36 29.57
N MET A 358 29.67 -4.59 30.64
CA MET A 358 28.98 -3.30 30.68
C MET A 358 29.61 -2.27 29.72
N ILE A 359 30.92 -2.34 29.49
CA ILE A 359 31.55 -1.49 28.48
C ILE A 359 30.91 -1.76 27.13
N GLY A 360 30.72 -3.04 26.83
CA GLY A 360 30.06 -3.45 25.62
C GLY A 360 28.63 -2.93 25.48
N LEU A 361 27.81 -3.16 26.50
CA LEU A 361 26.41 -2.74 26.48
C LEU A 361 26.21 -1.22 26.33
N GLY A 362 27.07 -0.44 26.98
CA GLY A 362 26.96 0.99 26.93
C GLY A 362 27.52 1.55 25.64
N GLY A 363 28.60 0.93 25.17
CA GLY A 363 29.20 1.33 23.92
C GLY A 363 28.26 1.09 22.76
N MET A 364 27.52 -0.02 22.83
CA MET A 364 26.52 -0.34 21.81
C MET A 364 25.36 0.63 21.88
N ALA A 365 24.96 0.98 23.12
CA ALA A 365 23.81 1.84 23.35
C ALA A 365 24.02 3.20 22.69
N PHE A 366 25.25 3.70 22.81
CA PHE A 366 25.59 4.93 22.15
C PHE A 366 25.53 4.85 20.62
N CYS A 367 26.01 3.76 20.04
CA CYS A 367 26.07 3.61 18.58
C CYS A 367 24.71 3.40 17.94
N SER A 368 23.81 2.71 18.64
CA SER A 368 22.49 2.47 18.07
C SER A 368 21.68 3.77 18.06
N THR A 369 21.96 4.66 19.01
CA THR A 369 21.37 6.01 18.96
C THR A 369 21.87 6.81 17.76
N LEU A 370 23.17 6.71 17.48
CA LEU A 370 23.75 7.43 16.36
C LEU A 370 23.22 6.89 15.03
N MET A 371 22.90 5.59 14.99
CA MET A 371 22.27 4.99 13.81
C MET A 371 20.87 5.53 13.55
N THR A 372 20.07 5.68 14.61
CA THR A 372 18.70 6.16 14.46
C THR A 372 18.75 7.60 13.95
N VAL A 373 19.62 8.41 14.55
CA VAL A 373 19.80 9.80 14.20
C VAL A 373 20.41 9.97 12.81
N SER A 374 21.42 9.17 12.48
CA SER A 374 21.97 9.18 11.12
C SER A 374 20.93 8.90 10.07
N LEU A 375 20.23 7.77 10.21
CA LEU A 375 19.29 7.31 9.21
C LEU A 375 18.17 8.32 8.99
N LEU A 376 17.82 9.05 10.04
CA LEU A 376 16.71 10.01 9.98
C LEU A 376 17.12 11.28 9.23
N LEU A 377 18.39 11.64 9.32
CA LEU A 377 18.92 12.82 8.65
C LEU A 377 19.61 12.51 7.34
N LYS A 378 19.34 11.33 6.78
CA LYS A 378 20.25 10.76 5.80
C LYS A 378 20.32 11.47 4.44
N ASP A 379 19.20 11.58 3.73
CA ASP A 379 19.21 12.15 2.38
C ASP A 379 18.85 13.63 2.42
N ASN A 380 18.92 14.21 3.61
CA ASN A 380 18.68 15.64 3.80
C ASN A 380 20.01 16.35 4.08
N TYR A 381 20.85 15.69 4.88
CA TYR A 381 22.27 16.02 5.01
C TYR A 381 23.04 14.80 4.55
N ASN A 382 23.65 14.86 3.37
CA ASN A 382 23.94 13.64 2.64
C ASN A 382 25.14 12.83 3.11
N GLY A 383 26.08 13.43 3.81
CA GLY A 383 27.21 12.66 4.31
C GLY A 383 26.89 11.51 5.26
N MET A 384 25.64 11.41 5.71
CA MET A 384 25.27 10.52 6.80
C MET A 384 25.51 9.02 6.55
N SER A 385 25.66 8.64 5.29
CA SER A 385 25.88 7.24 4.92
C SER A 385 27.16 6.69 5.53
N PHE A 386 28.19 7.54 5.61
CA PHE A 386 29.47 7.19 6.19
C PHE A 386 29.41 7.20 7.71
N VAL A 387 28.65 8.14 8.25
CA VAL A 387 28.44 8.22 9.68
C VAL A 387 27.84 6.91 10.18
N CYS A 388 26.87 6.41 9.41
CA CYS A 388 26.14 5.20 9.79
C CYS A 388 27.03 3.94 9.65
N ILE A 389 27.95 3.95 8.70
CA ILE A 389 29.00 2.93 8.61
C ILE A 389 29.96 2.94 9.80
N GLY A 390 30.38 4.13 10.24
CA GLY A 390 31.24 4.26 11.40
C GLY A 390 30.54 3.70 12.61
N ALA A 391 29.26 4.00 12.76
CA ALA A 391 28.49 3.53 13.91
C ALA A 391 28.39 2.01 13.92
N ILE A 392 28.11 1.43 12.75
CA ILE A 392 28.02 -0.02 12.61
C ILE A 392 29.33 -0.71 13.05
N LEU A 393 30.45 -0.25 12.49
CA LEU A 393 31.74 -0.84 12.83
C LEU A 393 32.14 -0.62 14.29
N VAL A 394 31.74 0.50 14.90
CA VAL A 394 32.07 0.75 16.30
C VAL A 394 31.18 -0.14 17.19
N PHE A 395 29.94 -0.32 16.77
CA PHE A 395 29.02 -1.26 17.40
C PHE A 395 29.61 -2.68 17.49
N VAL A 396 30.16 -3.19 16.39
CA VAL A 396 30.71 -4.54 16.36
C VAL A 396 31.87 -4.68 17.36
N ALA A 397 32.69 -3.65 17.44
CA ALA A 397 33.79 -3.62 18.39
C ALA A 397 33.29 -3.76 19.84
N PHE A 398 32.22 -3.02 20.16
CA PHE A 398 31.67 -3.00 21.51
C PHE A 398 30.93 -4.29 21.83
N PHE A 399 30.29 -4.86 20.81
CA PHE A 399 29.73 -6.21 20.96
C PHE A 399 30.79 -7.27 21.36
N GLU A 400 31.95 -7.25 20.72
CA GLU A 400 32.96 -8.28 20.95
C GLU A 400 33.78 -8.05 22.18
N ILE A 401 33.73 -6.83 22.73
CA ILE A 401 34.47 -6.51 23.95
C ILE A 401 33.92 -7.29 25.14
N GLY A 402 32.62 -7.51 25.16
CA GLY A 402 32.00 -8.25 26.23
C GLY A 402 30.85 -9.16 25.84
N PRO A 403 29.73 -8.57 25.38
CA PRO A 403 28.48 -9.31 25.19
C PRO A 403 28.56 -10.48 24.19
N GLY A 404 29.58 -10.51 23.35
CA GLY A 404 29.80 -11.62 22.43
C GLY A 404 30.44 -12.81 23.13
N PRO A 405 31.70 -12.64 23.61
CA PRO A 405 32.38 -13.80 24.18
C PRO A 405 31.81 -14.27 25.51
N ILE A 406 31.48 -13.34 26.40
CA ILE A 406 31.26 -13.72 27.80
C ILE A 406 30.03 -14.63 28.06
N PRO A 407 28.84 -14.31 27.50
CA PRO A 407 27.72 -15.22 27.71
C PRO A 407 27.96 -16.71 27.33
N TRP A 408 28.92 -16.98 26.45
CA TRP A 408 29.24 -18.36 26.05
C TRP A 408 30.06 -19.17 27.08
N PHE A 409 30.88 -18.51 27.91
CA PHE A 409 31.70 -19.26 28.85
C PHE A 409 31.30 -19.05 30.31
N ILE A 410 30.50 -18.02 30.59
CA ILE A 410 30.27 -17.65 31.99
C ILE A 410 29.38 -18.68 32.72
N VAL A 411 28.39 -19.24 32.02
CA VAL A 411 27.48 -20.22 32.61
C VAL A 411 28.24 -21.40 33.24
N ALA A 412 29.31 -21.80 32.60
CA ALA A 412 30.17 -22.84 33.13
C ALA A 412 30.76 -22.42 34.48
N GLU A 413 30.95 -21.11 34.71
CA GLU A 413 31.59 -20.61 35.93
C GLU A 413 30.60 -20.36 37.07
N LEU A 414 29.33 -20.25 36.73
CA LEU A 414 28.30 -19.96 37.73
C LEU A 414 27.79 -21.22 38.44
N PHE A 415 28.17 -22.39 37.93
CA PHE A 415 27.66 -23.63 38.51
C PHE A 415 28.76 -24.63 38.91
N SER A 416 28.55 -25.35 40.01
CA SER A 416 29.40 -26.51 40.35
C SER A 416 29.19 -27.65 39.36
N GLN A 417 29.95 -28.74 39.53
CA GLN A 417 30.01 -29.85 38.60
C GLN A 417 28.67 -30.50 38.33
N GLY A 418 27.91 -30.76 39.39
CA GLY A 418 26.63 -31.43 39.28
C GLY A 418 25.55 -30.73 38.48
N PRO A 419 25.28 -29.43 38.77
CA PRO A 419 24.24 -28.72 38.02
C PRO A 419 24.68 -28.21 36.63
N ARG A 420 25.98 -28.18 36.36
CA ARG A 420 26.48 -27.51 35.16
C ARG A 420 25.85 -28.00 33.85
N PRO A 421 25.74 -29.32 33.63
CA PRO A 421 25.19 -29.69 32.33
C PRO A 421 23.76 -29.15 32.08
N ALA A 422 22.89 -29.32 33.07
CA ALA A 422 21.50 -28.89 32.93
C ALA A 422 21.42 -27.38 32.73
N ALA A 423 22.23 -26.66 33.52
CA ALA A 423 22.35 -25.21 33.40
C ALA A 423 22.81 -24.77 31.99
N MET A 424 23.75 -25.49 31.41
CA MET A 424 24.22 -25.14 30.09
C MET A 424 23.32 -25.65 28.95
N ALA A 425 22.44 -26.61 29.25
CA ALA A 425 21.39 -26.93 28.27
C ALA A 425 20.36 -25.79 28.23
N VAL A 426 20.03 -25.25 29.40
CA VAL A 426 19.06 -24.18 29.50
C VAL A 426 19.59 -22.88 28.88
N ALA A 427 20.78 -22.47 29.32
CA ALA A 427 21.39 -21.24 28.83
C ALA A 427 21.66 -21.31 27.33
N GLY A 428 22.18 -22.44 26.86
CA GLY A 428 22.45 -22.61 25.44
C GLY A 428 21.20 -22.56 24.57
N CYS A 429 20.17 -23.27 25.01
CA CYS A 429 18.90 -23.29 24.28
C CYS A 429 18.27 -21.89 24.23
N SER A 430 18.35 -21.17 25.35
CA SER A 430 17.80 -19.82 25.36
C SER A 430 18.58 -18.87 24.45
N ASN A 431 19.88 -19.10 24.27
CA ASN A 431 20.64 -18.35 23.26
C ASN A 431 20.10 -18.61 21.82
N TRP A 432 19.95 -19.87 21.45
CA TRP A 432 19.45 -20.23 20.12
C TRP A 432 18.02 -19.78 19.90
N THR A 433 17.19 -19.96 20.91
CA THR A 433 15.77 -19.61 20.79
C THR A 433 15.59 -18.10 20.63
N SER A 434 16.27 -17.30 21.46
CA SER A 434 16.13 -15.86 21.32
C SER A 434 16.67 -15.45 19.95
N ASN A 435 17.76 -16.07 19.52
CA ASN A 435 18.28 -15.78 18.17
C ASN A 435 17.25 -16.09 17.09
N PHE A 436 16.57 -17.23 17.23
CA PHE A 436 15.56 -17.62 16.27
C PHE A 436 14.36 -16.65 16.24
N LEU A 437 13.78 -16.35 17.40
CA LEU A 437 12.64 -15.44 17.45
C LEU A 437 13.01 -14.07 16.93
N VAL A 438 14.24 -13.64 17.18
CA VAL A 438 14.68 -12.34 16.70
C VAL A 438 14.69 -12.34 15.17
N GLY A 439 15.27 -13.37 14.56
CA GLY A 439 15.34 -13.44 13.10
C GLY A 439 13.99 -13.58 12.42
N LEU A 440 13.02 -14.02 13.21
CA LEU A 440 11.66 -14.23 12.76
C LEU A 440 10.81 -12.96 12.79
N LEU A 441 10.91 -12.22 13.89
CA LEU A 441 10.01 -11.11 14.14
C LEU A 441 10.58 -9.75 13.74
N PHE A 442 11.88 -9.67 13.51
CA PHE A 442 12.51 -8.38 13.26
C PHE A 442 12.10 -7.73 11.93
N PRO A 443 12.00 -8.50 10.82
CA PRO A 443 11.57 -7.85 9.57
C PRO A 443 10.24 -7.07 9.69
N SER A 444 9.27 -7.59 10.43
CA SER A 444 8.04 -6.84 10.68
C SER A 444 8.32 -5.56 11.47
N ALA A 445 8.96 -5.70 12.62
CA ALA A 445 9.29 -4.56 13.48
C ALA A 445 9.96 -3.43 12.70
N ALA A 446 10.98 -3.77 11.93
CA ALA A 446 11.71 -2.80 11.12
C ALA A 446 10.81 -2.12 10.09
N HIS A 447 9.83 -2.85 9.57
CA HIS A 447 8.92 -2.36 8.54
C HIS A 447 8.05 -1.22 9.07
N TYR A 448 7.54 -1.37 10.29
CA TYR A 448 6.69 -0.37 10.92
C TYR A 448 7.49 0.72 11.62
N LEU A 449 8.60 0.35 12.26
CA LEU A 449 9.38 1.29 13.06
C LEU A 449 10.42 2.06 12.25
N GLY A 450 10.83 1.49 11.12
CA GLY A 450 11.87 2.10 10.31
C GLY A 450 13.17 2.23 11.09
N ALA A 451 13.68 3.45 11.18
CA ALA A 451 14.96 3.71 11.82
C ALA A 451 14.85 3.73 13.35
N TYR A 452 13.62 3.73 13.86
CA TYR A 452 13.40 3.78 15.30
C TYR A 452 13.55 2.42 15.93
N VAL A 453 13.95 1.43 15.15
CA VAL A 453 14.12 0.08 15.69
C VAL A 453 15.46 0.01 16.43
N PHE A 454 16.31 1.00 16.22
CA PHE A 454 17.58 1.04 16.93
C PHE A 454 17.40 1.75 18.26
N ILE A 455 16.20 2.24 18.52
CA ILE A 455 15.88 2.95 19.76
C ILE A 455 15.27 2.02 20.78
N ILE A 456 14.53 1.01 20.32
CA ILE A 456 14.09 -0.01 21.24
C ILE A 456 15.33 -0.78 21.71
N PHE A 457 16.23 -1.07 20.78
CA PHE A 457 17.50 -1.73 21.09
C PHE A 457 18.38 -0.89 22.04
N THR A 458 18.41 0.43 21.85
CA THR A 458 19.08 1.30 22.83
C THR A 458 18.46 1.14 24.22
N GLY A 459 17.13 1.00 24.26
CA GLY A 459 16.38 0.73 25.47
C GLY A 459 16.67 -0.62 26.12
N PHE A 460 16.77 -1.69 25.34
CA PHE A 460 17.20 -3.00 25.86
C PHE A 460 18.58 -2.88 26.51
N LEU A 461 19.49 -2.24 25.78
CA LEU A 461 20.89 -2.16 26.15
C LEU A 461 21.07 -1.49 27.51
N ILE A 462 20.43 -0.34 27.70
CA ILE A 462 20.45 0.34 29.00
C ILE A 462 19.91 -0.58 30.10
N THR A 463 18.88 -1.35 29.77
CA THR A 463 18.24 -2.20 30.77
C THR A 463 19.18 -3.34 31.16
N PHE A 464 19.79 -3.97 30.17
CA PHE A 464 20.78 -5.01 30.41
C PHE A 464 22.00 -4.48 31.17
N LEU A 465 22.38 -3.24 30.89
CA LEU A 465 23.47 -2.58 31.58
C LEU A 465 23.15 -2.38 33.06
N ALA A 466 21.93 -1.95 33.33
CA ALA A 466 21.41 -1.89 34.69
C ALA A 466 21.51 -3.27 35.37
N PHE A 467 20.95 -4.27 34.71
CA PHE A 467 20.93 -5.64 35.22
C PHE A 467 22.34 -6.11 35.60
N THR A 468 23.30 -5.89 34.71
CA THR A 468 24.66 -6.33 34.98
C THR A 468 25.26 -5.56 36.16
N PHE A 469 25.02 -4.25 36.24
CA PHE A 469 25.57 -3.45 37.33
C PHE A 469 25.15 -3.95 38.72
N PHE A 470 23.84 -4.17 38.89
CA PHE A 470 23.29 -4.58 40.18
C PHE A 470 23.30 -6.08 40.44
N LYS A 471 23.16 -6.90 39.41
CA LYS A 471 22.89 -8.33 39.64
C LYS A 471 24.05 -9.30 39.38
N VAL A 472 25.00 -8.95 38.52
CA VAL A 472 26.04 -9.91 38.15
C VAL A 472 27.32 -9.80 39.00
N PRO A 473 27.59 -10.79 39.86
CA PRO A 473 28.80 -10.74 40.67
C PRO A 473 30.07 -11.11 39.86
N GLU A 474 31.25 -10.66 40.28
CA GLU A 474 32.47 -10.89 39.51
C GLU A 474 32.99 -12.31 39.77
N THR A 475 33.38 -13.01 38.70
CA THR A 475 33.76 -14.42 38.83
C THR A 475 35.21 -14.67 38.40
N ARG A 476 35.87 -13.59 37.98
CA ARG A 476 37.25 -13.67 37.50
C ARG A 476 38.23 -14.22 38.55
N GLY A 477 38.93 -15.29 38.20
CA GLY A 477 39.98 -15.84 39.07
C GLY A 477 39.51 -16.57 40.31
N ARG A 478 38.21 -16.79 40.43
CA ARG A 478 37.65 -17.45 41.61
C ARG A 478 37.32 -18.91 41.33
N THR A 479 37.61 -19.78 42.30
CA THR A 479 37.32 -21.19 42.14
C THR A 479 35.81 -21.38 42.05
N PHE A 480 35.39 -22.45 41.40
CA PHE A 480 34.00 -22.90 41.41
C PHE A 480 33.47 -23.02 42.83
N GLU A 481 34.31 -23.51 43.73
CA GLU A 481 33.86 -23.72 45.10
C GLU A 481 33.59 -22.37 45.79
N ASP A 482 34.35 -21.34 45.47
CA ASP A 482 34.12 -20.07 46.14
C ASP A 482 33.00 -19.26 45.46
N ILE A 483 32.76 -19.50 44.15
CA ILE A 483 31.62 -18.89 43.43
C ILE A 483 30.28 -19.45 43.94
N THR A 484 30.24 -20.76 44.13
CA THR A 484 29.05 -21.47 44.56
C THR A 484 28.71 -21.11 46.00
N ARG A 485 29.72 -21.01 46.84
CA ARG A 485 29.46 -20.68 48.24
C ARG A 485 28.88 -19.29 48.39
N ALA A 486 29.25 -18.37 47.50
CA ALA A 486 28.75 -17.01 47.56
C ALA A 486 27.29 -16.98 47.17
N PHE A 487 26.90 -17.80 46.19
CA PHE A 487 25.51 -17.89 45.81
C PHE A 487 24.66 -18.51 46.91
N GLU A 488 25.26 -19.45 47.64
CA GLU A 488 24.59 -20.14 48.74
C GLU A 488 24.44 -19.23 49.97
N GLY A 489 25.44 -18.39 50.23
CA GLY A 489 25.36 -17.40 51.27
C GLY A 489 24.20 -16.44 51.03
N GLN A 490 24.12 -15.91 49.82
CA GLN A 490 23.08 -14.97 49.42
C GLN A 490 21.68 -15.56 49.53
N ALA A 491 21.55 -16.83 49.12
CA ALA A 491 20.26 -17.51 49.19
C ALA A 491 19.84 -17.76 50.66
N HIS A 492 20.82 -17.69 51.56
CA HIS A 492 20.60 -17.92 52.99
C HIS A 492 20.19 -16.63 53.72
N THR B 25 -3.59 15.35 1.42
CA THR B 25 -3.05 16.18 0.36
C THR B 25 -3.66 15.82 -0.98
N GLN B 26 -4.98 15.96 -1.08
CA GLN B 26 -5.73 15.51 -2.27
C GLN B 26 -5.44 16.39 -3.49
N LYS B 27 -4.72 15.80 -4.43
CA LYS B 27 -4.47 16.39 -5.73
C LYS B 27 -5.28 15.64 -6.77
N VAL B 28 -5.21 16.08 -8.02
CA VAL B 28 -6.01 15.47 -9.06
C VAL B 28 -5.18 14.45 -9.83
N THR B 29 -5.53 13.19 -9.72
CA THR B 29 -4.78 12.12 -10.36
C THR B 29 -5.26 11.87 -11.79
N PRO B 30 -4.41 11.20 -12.60
CA PRO B 30 -4.82 10.67 -13.90
C PRO B 30 -6.05 9.76 -13.80
N ALA B 31 -6.13 8.96 -12.74
CA ALA B 31 -7.27 8.09 -12.49
C ALA B 31 -8.58 8.87 -12.31
N LEU B 32 -8.52 9.99 -11.59
CA LEU B 32 -9.71 10.80 -11.36
C LEU B 32 -10.20 11.50 -12.62
N ILE B 33 -9.27 11.99 -13.42
CA ILE B 33 -9.65 12.64 -14.66
C ILE B 33 -10.24 11.61 -15.63
N PHE B 34 -9.59 10.45 -15.72
CA PHE B 34 -10.06 9.39 -16.59
C PHE B 34 -11.50 9.05 -16.21
N ALA B 35 -11.77 8.87 -14.92
CA ALA B 35 -13.10 8.50 -14.44
C ALA B 35 -14.17 9.55 -14.78
N ILE B 36 -13.80 10.83 -14.72
CA ILE B 36 -14.78 11.88 -14.88
C ILE B 36 -15.01 12.17 -16.35
N THR B 37 -13.92 12.14 -17.12
CA THR B 37 -13.98 12.33 -18.56
C THR B 37 -14.82 11.22 -19.20
N VAL B 38 -14.59 9.99 -18.75
CA VAL B 38 -15.33 8.86 -19.29
C VAL B 38 -16.82 9.02 -18.98
N ALA B 39 -17.14 9.47 -17.77
CA ALA B 39 -18.55 9.67 -17.41
C ALA B 39 -19.20 10.81 -18.20
N THR B 40 -18.40 11.79 -18.65
CA THR B 40 -18.95 12.92 -19.38
C THR B 40 -19.11 12.60 -20.87
N ILE B 41 -18.86 11.34 -21.23
CA ILE B 41 -19.21 10.92 -22.57
C ILE B 41 -20.74 10.98 -22.69
N GLY B 42 -21.43 10.74 -21.58
CA GLY B 42 -22.89 10.84 -21.55
C GLY B 42 -23.38 12.28 -21.69
N SER B 43 -22.60 13.23 -21.17
CA SER B 43 -22.93 14.63 -21.34
C SER B 43 -22.79 15.02 -22.80
N PHE B 44 -21.68 14.58 -23.40
CA PHE B 44 -21.44 14.80 -24.82
C PHE B 44 -22.59 14.28 -25.66
N GLN B 45 -23.07 13.08 -25.32
CA GLN B 45 -24.12 12.39 -26.07
C GLN B 45 -25.41 13.18 -26.04
N PHE B 46 -25.77 13.68 -24.87
CA PHE B 46 -26.95 14.55 -24.70
C PHE B 46 -26.85 15.84 -25.54
N GLY B 47 -25.69 16.50 -25.53
CA GLY B 47 -25.52 17.67 -26.36
C GLY B 47 -25.53 17.34 -27.84
N TYR B 48 -25.01 16.18 -28.20
CA TYR B 48 -24.93 15.78 -29.61
C TYR B 48 -26.32 15.46 -30.19
N ASN B 49 -27.10 14.66 -29.48
CA ASN B 49 -28.44 14.33 -29.97
C ASN B 49 -29.40 15.53 -29.87
N THR B 50 -29.07 16.50 -29.01
CA THR B 50 -29.85 17.72 -28.94
C THR B 50 -29.55 18.58 -30.16
N GLY B 51 -28.28 18.77 -30.47
CA GLY B 51 -27.94 19.73 -31.51
C GLY B 51 -27.95 19.20 -32.93
N VAL B 52 -28.02 17.88 -33.10
CA VAL B 52 -27.72 17.28 -34.40
C VAL B 52 -28.89 17.36 -35.36
N ILE B 53 -30.10 17.51 -34.82
CA ILE B 53 -31.32 17.37 -35.62
C ILE B 53 -31.61 18.54 -36.56
N ASN B 54 -31.06 19.72 -36.28
CA ASN B 54 -31.45 20.93 -37.00
C ASN B 54 -30.94 21.01 -38.43
N ALA B 55 -29.63 20.95 -38.61
CA ALA B 55 -29.00 21.04 -39.92
C ALA B 55 -29.67 20.16 -41.00
N PRO B 56 -29.89 18.86 -40.72
CA PRO B 56 -30.38 18.07 -41.85
C PRO B 56 -31.91 18.10 -42.06
N GLU B 57 -32.57 19.21 -41.75
CA GLU B 57 -34.03 19.24 -41.86
C GLU B 57 -34.56 19.04 -43.30
N LYS B 58 -34.00 19.77 -44.25
CA LYS B 58 -34.46 19.69 -45.62
C LYS B 58 -34.13 18.33 -46.23
N ILE B 59 -32.89 17.86 -46.02
CA ILE B 59 -32.44 16.54 -46.46
C ILE B 59 -33.35 15.40 -46.01
N ILE B 60 -33.73 15.43 -44.74
CA ILE B 60 -34.59 14.40 -44.18
C ILE B 60 -36.04 14.52 -44.66
N LYS B 61 -36.54 15.74 -44.80
CA LYS B 61 -37.88 15.96 -45.38
C LYS B 61 -37.96 15.42 -46.81
N GLU B 62 -36.88 15.60 -47.58
CA GLU B 62 -36.76 15.05 -48.93
C GLU B 62 -36.73 13.52 -48.93
N PHE B 63 -36.14 12.93 -47.91
CA PHE B 63 -36.15 11.48 -47.71
C PHE B 63 -37.57 10.97 -47.43
N ILE B 64 -38.30 11.66 -46.55
CA ILE B 64 -39.69 11.30 -46.23
C ILE B 64 -40.56 11.40 -47.48
N THR B 65 -40.31 12.43 -48.29
CA THR B 65 -41.02 12.61 -49.54
C THR B 65 -40.79 11.43 -50.48
N LYS B 66 -39.53 11.05 -50.66
CA LYS B 66 -39.17 9.95 -51.53
C LYS B 66 -39.64 8.60 -51.00
N THR B 67 -39.72 8.46 -49.67
CA THR B 67 -40.15 7.21 -49.05
C THR B 67 -41.63 7.01 -49.29
N LEU B 68 -42.41 8.04 -48.97
CA LEU B 68 -43.84 7.99 -49.24
C LEU B 68 -44.12 7.89 -50.75
N THR B 69 -43.35 8.58 -51.58
CA THR B 69 -43.82 8.80 -52.95
C THR B 69 -43.65 7.57 -53.88
N ASP B 70 -42.47 6.95 -53.91
CA ASP B 70 -42.18 5.97 -54.95
C ASP B 70 -42.55 4.56 -54.44
N LYS B 71 -43.22 4.48 -53.27
CA LYS B 71 -43.98 3.27 -52.94
C LYS B 71 -45.45 3.43 -53.40
N GLY B 72 -46.34 3.82 -52.50
CA GLY B 72 -47.77 3.75 -52.75
C GLY B 72 -48.57 4.97 -53.19
N ASN B 73 -48.24 6.16 -52.68
CA ASN B 73 -49.11 7.32 -52.91
C ASN B 73 -48.39 8.49 -53.64
N ALA B 74 -48.98 9.68 -53.56
CA ALA B 74 -48.47 10.90 -54.18
C ALA B 74 -47.73 11.80 -53.16
N PRO B 75 -46.88 12.74 -53.63
CA PRO B 75 -46.03 13.54 -52.73
C PRO B 75 -46.74 14.18 -51.54
N PRO B 76 -46.17 14.02 -50.33
CA PRO B 76 -46.70 14.67 -49.12
C PRO B 76 -46.70 16.19 -49.23
N SER B 77 -47.56 16.83 -48.44
CA SER B 77 -47.65 18.28 -48.44
C SER B 77 -46.69 18.88 -47.43
N GLU B 78 -46.53 20.19 -47.48
CA GLU B 78 -45.74 20.92 -46.50
C GLU B 78 -46.26 20.66 -45.10
N VAL B 79 -47.58 20.74 -44.94
CA VAL B 79 -48.19 20.51 -43.64
C VAL B 79 -47.85 19.14 -43.08
N LEU B 80 -47.81 18.11 -43.92
CA LEU B 80 -47.50 16.77 -43.43
C LEU B 80 -46.01 16.64 -43.06
N LEU B 81 -45.13 17.15 -43.91
CA LEU B 81 -43.71 17.12 -43.64
C LEU B 81 -43.37 17.86 -42.34
N THR B 82 -43.95 19.05 -42.16
CA THR B 82 -43.83 19.82 -40.93
C THR B 82 -44.29 18.99 -39.74
N SER B 83 -45.43 18.32 -39.92
CA SER B 83 -46.01 17.45 -38.91
C SER B 83 -45.05 16.32 -38.47
N LEU B 84 -44.54 15.56 -39.44
CA LEU B 84 -43.66 14.44 -39.15
C LEU B 84 -42.30 14.92 -38.64
N TRP B 85 -41.78 15.98 -39.23
CA TRP B 85 -40.54 16.58 -38.75
C TRP B 85 -40.66 17.02 -37.28
N SER B 86 -41.76 17.66 -36.93
CA SER B 86 -41.99 18.17 -35.57
C SER B 86 -42.12 17.05 -34.53
N LEU B 87 -42.58 15.89 -34.98
CA LEU B 87 -42.67 14.73 -34.11
C LEU B 87 -41.27 14.16 -33.86
N SER B 88 -40.51 13.99 -34.93
CA SER B 88 -39.13 13.54 -34.85
C SER B 88 -38.28 14.38 -33.90
N VAL B 89 -38.35 15.70 -34.06
CA VAL B 89 -37.63 16.60 -33.19
C VAL B 89 -38.13 16.43 -31.76
N ALA B 90 -39.42 16.68 -31.54
CA ALA B 90 -40.00 16.72 -30.20
C ALA B 90 -40.05 15.38 -29.41
N ILE B 91 -40.16 14.24 -30.09
CA ILE B 91 -40.33 12.98 -29.34
C ILE B 91 -39.05 12.64 -28.55
N PHE B 92 -37.93 13.26 -28.93
CA PHE B 92 -36.70 13.23 -28.15
C PHE B 92 -36.94 13.77 -26.74
N SER B 93 -37.60 14.92 -26.62
CA SER B 93 -37.83 15.56 -25.31
C SER B 93 -38.73 14.75 -24.40
N VAL B 94 -39.74 14.12 -24.99
CA VAL B 94 -40.63 13.19 -24.29
C VAL B 94 -39.87 11.98 -23.75
N GLY B 95 -39.00 11.40 -24.58
CA GLY B 95 -38.08 10.36 -24.12
C GLY B 95 -37.19 10.81 -22.96
N GLY B 96 -36.72 12.06 -23.01
CA GLY B 96 -35.88 12.62 -21.97
C GLY B 96 -36.62 12.83 -20.67
N MET B 97 -37.90 13.20 -20.77
CA MET B 97 -38.74 13.39 -19.58
C MET B 97 -38.92 12.07 -18.87
N ILE B 98 -39.20 11.03 -19.64
CA ILE B 98 -39.43 9.72 -19.05
C ILE B 98 -38.12 9.25 -18.45
N GLY B 99 -37.04 9.27 -19.23
CA GLY B 99 -35.74 8.81 -18.80
C GLY B 99 -35.19 9.48 -17.54
N SER B 100 -35.19 10.81 -17.52
CA SER B 100 -34.63 11.53 -16.39
C SER B 100 -35.44 11.28 -15.13
N PHE B 101 -36.76 11.13 -15.26
CA PHE B 101 -37.60 10.78 -14.11
C PHE B 101 -37.39 9.35 -13.59
N SER B 102 -36.82 8.48 -14.44
CA SER B 102 -36.63 7.08 -14.10
C SER B 102 -35.26 6.72 -13.49
N VAL B 103 -34.39 7.70 -13.26
CA VAL B 103 -33.03 7.38 -12.82
C VAL B 103 -33.00 6.67 -11.45
N GLY B 104 -34.07 6.85 -10.68
CA GLY B 104 -34.18 6.18 -9.38
C GLY B 104 -34.39 4.67 -9.48
N LEU B 105 -34.81 4.17 -10.64
CA LEU B 105 -34.96 2.73 -10.82
C LEU B 105 -33.61 2.03 -10.89
N PHE B 106 -32.54 2.78 -11.16
CA PHE B 106 -31.25 2.18 -11.49
C PHE B 106 -30.11 2.36 -10.48
N VAL B 107 -29.97 3.57 -9.93
CA VAL B 107 -28.69 3.97 -9.33
C VAL B 107 -28.48 3.38 -7.94
N ASN B 108 -29.56 3.13 -7.21
CA ASN B 108 -29.46 2.45 -5.92
C ASN B 108 -29.35 0.94 -6.10
N ARG B 109 -29.87 0.46 -7.22
CA ARG B 109 -29.92 -0.97 -7.48
C ARG B 109 -28.65 -1.51 -8.15
N PHE B 110 -28.01 -0.71 -9.00
CA PHE B 110 -26.85 -1.18 -9.76
C PHE B 110 -25.58 -0.46 -9.39
N GLY B 111 -25.73 0.66 -8.71
CA GLY B 111 -24.62 1.56 -8.46
C GLY B 111 -24.65 2.66 -9.51
N ARG B 112 -23.81 3.66 -9.33
CA ARG B 112 -23.78 4.80 -10.24
C ARG B 112 -23.04 4.45 -11.54
N ARG B 113 -21.85 3.87 -11.42
CA ARG B 113 -21.11 3.50 -12.62
C ARG B 113 -21.76 2.36 -13.46
N ASN B 114 -22.37 1.35 -12.82
CA ASN B 114 -22.99 0.27 -13.60
C ASN B 114 -24.23 0.74 -14.34
N SER B 115 -24.98 1.63 -13.72
CA SER B 115 -26.13 2.26 -14.37
C SER B 115 -25.75 2.88 -15.73
N MET B 116 -24.61 3.57 -15.80
CA MET B 116 -24.17 4.14 -17.06
C MET B 116 -23.82 3.05 -18.07
N LEU B 117 -23.20 1.97 -17.59
CA LEU B 117 -22.77 0.85 -18.42
C LEU B 117 -23.94 0.01 -18.92
N ILE B 118 -24.96 -0.15 -18.08
CA ILE B 118 -26.18 -0.87 -18.46
C ILE B 118 -27.02 -0.16 -19.55
N VAL B 119 -27.19 1.16 -19.45
CA VAL B 119 -28.15 1.81 -20.32
C VAL B 119 -27.58 2.16 -21.69
N ASN B 120 -26.32 1.80 -21.96
CA ASN B 120 -25.73 2.10 -23.26
C ASN B 120 -26.42 1.30 -24.35
N LEU B 121 -27.07 0.24 -23.91
CA LEU B 121 -28.13 -0.44 -24.62
C LEU B 121 -28.98 0.50 -25.48
N LEU B 122 -29.63 1.41 -24.76
CA LEU B 122 -30.57 2.35 -25.37
C LEU B 122 -29.88 3.19 -26.43
N ALA B 123 -28.66 3.61 -26.14
CA ALA B 123 -27.96 4.48 -27.08
C ALA B 123 -27.60 3.69 -28.34
N VAL B 124 -27.16 2.47 -28.16
CA VAL B 124 -26.86 1.57 -29.27
C VAL B 124 -28.14 1.25 -30.10
N THR B 125 -29.24 0.96 -29.41
CA THR B 125 -30.53 0.75 -30.07
C THR B 125 -31.04 1.96 -30.87
N GLY B 126 -31.23 3.08 -30.20
CA GLY B 126 -31.69 4.30 -30.83
C GLY B 126 -30.83 4.75 -32.00
N GLY B 127 -29.51 4.60 -31.86
CA GLY B 127 -28.59 4.93 -32.93
C GLY B 127 -28.73 4.01 -34.15
N CYS B 128 -29.20 2.78 -33.93
CA CYS B 128 -29.43 1.83 -35.03
C CYS B 128 -30.68 2.15 -35.79
N PHE B 129 -31.78 2.34 -35.06
CA PHE B 129 -33.03 2.83 -35.64
C PHE B 129 -32.86 4.06 -36.53
N MET B 130 -32.09 5.04 -36.04
CA MET B 130 -31.90 6.27 -36.78
C MET B 130 -30.92 6.10 -37.94
N GLY B 131 -29.95 5.21 -37.76
CA GLY B 131 -28.95 5.00 -38.79
C GLY B 131 -29.43 4.10 -39.92
N LEU B 132 -30.34 3.19 -39.59
CA LEU B 132 -30.82 2.20 -40.53
C LEU B 132 -32.23 2.49 -41.09
N CYS B 133 -32.82 3.64 -40.75
CA CYS B 133 -34.16 3.94 -41.22
C CYS B 133 -34.21 4.31 -42.71
N LYS B 134 -33.14 4.90 -43.23
CA LYS B 134 -33.10 5.25 -44.64
C LYS B 134 -33.07 3.99 -45.50
N VAL B 135 -32.18 3.07 -45.14
CA VAL B 135 -31.99 1.85 -45.93
C VAL B 135 -33.18 0.92 -45.70
N ALA B 136 -33.88 1.09 -44.59
CA ALA B 136 -35.09 0.32 -44.34
C ALA B 136 -36.32 1.03 -44.89
N LYS B 137 -36.12 2.20 -45.48
CA LYS B 137 -37.23 3.05 -45.96
C LYS B 137 -38.38 3.15 -44.94
N SER B 138 -38.04 3.58 -43.73
CA SER B 138 -38.99 3.63 -42.62
C SER B 138 -38.91 4.95 -41.81
N VAL B 139 -39.92 5.80 -41.95
CA VAL B 139 -39.95 7.03 -41.19
C VAL B 139 -40.20 6.71 -39.73
N GLU B 140 -41.02 5.68 -39.51
CA GLU B 140 -41.39 5.25 -38.18
C GLU B 140 -40.14 4.86 -37.37
N MET B 141 -39.11 4.33 -38.05
CA MET B 141 -37.86 3.97 -37.38
C MET B 141 -37.11 5.20 -36.90
N LEU B 142 -37.09 6.22 -37.74
CA LEU B 142 -36.53 7.51 -37.34
C LEU B 142 -37.21 8.05 -36.06
N ILE B 143 -38.53 8.21 -36.12
CA ILE B 143 -39.30 8.64 -34.95
C ILE B 143 -38.99 7.81 -33.71
N LEU B 144 -39.07 6.48 -33.86
CA LEU B 144 -38.72 5.55 -32.79
C LEU B 144 -37.28 5.69 -32.27
N GLY B 145 -36.33 5.86 -33.18
CA GLY B 145 -34.94 6.06 -32.78
C GLY B 145 -34.78 7.30 -31.92
N ARG B 146 -35.46 8.37 -32.31
CA ARG B 146 -35.39 9.65 -31.63
C ARG B 146 -36.03 9.59 -30.22
N LEU B 147 -37.05 8.76 -30.05
CA LEU B 147 -37.66 8.53 -28.74
C LEU B 147 -36.74 7.74 -27.81
N VAL B 148 -36.08 6.74 -28.36
CA VAL B 148 -35.28 5.83 -27.55
C VAL B 148 -33.93 6.45 -27.23
N ILE B 149 -33.38 7.25 -28.13
CA ILE B 149 -32.17 7.98 -27.79
C ILE B 149 -32.52 9.09 -26.78
N GLY B 150 -33.77 9.55 -26.83
CA GLY B 150 -34.30 10.46 -25.83
C GLY B 150 -34.36 9.85 -24.43
N LEU B 151 -34.78 8.60 -24.33
CA LEU B 151 -34.80 7.90 -23.05
C LEU B 151 -33.41 7.81 -22.49
N PHE B 152 -32.46 7.51 -23.36
CA PHE B 152 -31.07 7.34 -22.96
C PHE B 152 -30.46 8.65 -22.45
N CYS B 153 -30.77 9.75 -23.11
CA CYS B 153 -30.17 11.03 -22.70
C CYS B 153 -30.77 11.49 -21.38
N GLY B 154 -32.05 11.23 -21.17
CA GLY B 154 -32.69 11.58 -19.92
C GLY B 154 -32.00 10.91 -18.75
N LEU B 155 -31.75 9.61 -18.87
CA LEU B 155 -31.08 8.85 -17.82
C LEU B 155 -29.66 9.38 -17.61
N CYS B 156 -28.96 9.67 -18.70
CA CYS B 156 -27.62 10.27 -18.58
C CYS B 156 -27.63 11.61 -17.83
N THR B 157 -28.62 12.47 -18.11
CA THR B 157 -28.59 13.83 -17.53
C THR B 157 -28.69 13.79 -16.01
N GLY B 158 -29.24 12.70 -15.48
CA GLY B 158 -29.24 12.43 -14.04
C GLY B 158 -28.05 11.61 -13.52
N PHE B 159 -27.70 10.52 -14.21
CA PHE B 159 -26.56 9.68 -13.84
C PHE B 159 -25.21 10.44 -13.74
N VAL B 160 -24.84 11.19 -14.79
CA VAL B 160 -23.52 11.86 -14.84
C VAL B 160 -23.28 12.88 -13.67
N PRO B 161 -24.20 13.83 -13.43
CA PRO B 161 -23.94 14.62 -12.24
C PRO B 161 -24.04 13.84 -10.90
N MET B 162 -24.76 12.73 -10.86
CA MET B 162 -24.84 11.97 -9.60
C MET B 162 -23.46 11.39 -9.27
N TYR B 163 -22.88 10.72 -10.26
CA TYR B 163 -21.54 10.19 -10.20
C TYR B 163 -20.42 11.22 -10.02
N ILE B 164 -20.40 12.26 -10.83
CA ILE B 164 -19.38 13.29 -10.70
C ILE B 164 -19.44 13.91 -9.32
N GLY B 165 -20.66 14.17 -8.86
CA GLY B 165 -20.88 14.72 -7.53
C GLY B 165 -20.29 13.86 -6.43
N GLU B 166 -20.42 12.53 -6.55
CA GLU B 166 -20.02 11.63 -5.47
C GLU B 166 -18.56 11.15 -5.50
N ILE B 167 -17.86 11.33 -6.62
CA ILE B 167 -16.43 10.96 -6.64
C ILE B 167 -15.51 12.17 -6.60
N SER B 168 -16.07 13.37 -6.64
CA SER B 168 -15.22 14.54 -6.63
C SER B 168 -14.88 14.96 -5.21
N PRO B 169 -13.61 15.36 -5.03
CA PRO B 169 -13.08 16.11 -3.90
C PRO B 169 -14.00 17.27 -3.60
N THR B 170 -14.35 17.44 -2.33
CA THR B 170 -15.25 18.50 -1.92
C THR B 170 -14.79 19.88 -2.41
N ALA B 171 -13.49 20.13 -2.44
CA ALA B 171 -13.02 21.43 -2.86
C ALA B 171 -13.16 21.66 -4.38
N LEU B 172 -13.52 20.62 -5.11
CA LEU B 172 -13.54 20.74 -6.56
C LEU B 172 -14.85 20.24 -7.13
N ARG B 173 -15.84 20.04 -6.25
CA ARG B 173 -17.10 19.41 -6.64
C ARG B 173 -17.79 20.21 -7.73
N GLY B 174 -17.95 21.51 -7.51
CA GLY B 174 -18.50 22.42 -8.51
C GLY B 174 -17.73 22.50 -9.82
N ALA B 175 -16.39 22.49 -9.76
CA ALA B 175 -15.58 22.60 -10.97
C ALA B 175 -15.73 21.37 -11.84
N PHE B 176 -15.53 20.21 -11.24
CA PHE B 176 -15.73 18.95 -11.96
C PHE B 176 -17.16 18.86 -12.49
N GLY B 177 -18.12 19.37 -11.72
CA GLY B 177 -19.50 19.44 -12.17
C GLY B 177 -19.76 20.32 -13.40
N THR B 178 -18.88 21.28 -13.65
CA THR B 178 -18.99 22.13 -14.83
C THR B 178 -18.64 21.30 -16.07
N LEU B 179 -17.91 20.19 -15.85
CA LEU B 179 -17.43 19.41 -16.99
C LEU B 179 -18.59 18.65 -17.66
N ASN B 180 -19.66 18.48 -16.90
CA ASN B 180 -20.89 17.92 -17.45
C ASN B 180 -21.47 18.87 -18.51
N GLN B 181 -21.64 20.14 -18.13
CA GLN B 181 -22.13 21.16 -19.07
C GLN B 181 -21.14 21.36 -20.22
N LEU B 182 -19.85 21.33 -19.90
CA LEU B 182 -18.85 21.46 -20.94
C LEU B 182 -19.00 20.35 -22.00
N GLY B 183 -19.22 19.12 -21.54
CA GLY B 183 -19.46 17.99 -22.42
C GLY B 183 -20.71 18.20 -23.27
N ILE B 184 -21.75 18.76 -22.67
CA ILE B 184 -22.98 19.07 -23.40
C ILE B 184 -22.75 20.07 -24.54
N VAL B 185 -22.07 21.17 -24.24
CA VAL B 185 -21.94 22.22 -25.24
C VAL B 185 -20.90 21.80 -26.29
N VAL B 186 -19.92 20.97 -25.92
CA VAL B 186 -18.99 20.41 -26.92
C VAL B 186 -19.73 19.44 -27.86
N GLY B 187 -20.58 18.59 -27.29
CA GLY B 187 -21.46 17.73 -28.08
C GLY B 187 -22.34 18.49 -29.07
N ILE B 188 -22.87 19.64 -28.66
CA ILE B 188 -23.72 20.46 -29.54
C ILE B 188 -22.92 20.99 -30.72
N LEU B 189 -21.77 21.59 -30.41
CA LEU B 189 -20.86 22.13 -31.41
C LEU B 189 -20.48 21.09 -32.47
N VAL B 190 -20.04 19.91 -32.01
CA VAL B 190 -19.65 18.81 -32.90
C VAL B 190 -20.81 18.27 -33.76
N ALA B 191 -21.99 18.12 -33.19
CA ALA B 191 -23.18 17.79 -33.97
C ALA B 191 -23.45 18.76 -35.14
N GLN B 192 -23.31 20.06 -34.87
CA GLN B 192 -23.52 21.10 -35.86
C GLN B 192 -22.42 21.14 -36.92
N ILE B 193 -21.16 21.05 -36.51
CA ILE B 193 -20.06 20.88 -37.45
C ILE B 193 -20.24 19.67 -38.36
N PHE B 194 -20.57 18.51 -37.77
CA PHE B 194 -20.82 17.29 -38.54
C PHE B 194 -21.99 17.47 -39.51
N GLY B 195 -22.89 18.38 -39.17
CA GLY B 195 -24.09 18.65 -39.97
C GLY B 195 -23.81 19.42 -41.23
N LEU B 196 -22.63 20.02 -41.31
CA LEU B 196 -22.22 20.71 -42.53
C LEU B 196 -22.26 19.76 -43.72
N GLU B 197 -22.68 20.29 -44.87
CA GLU B 197 -22.90 19.52 -46.07
C GLU B 197 -21.70 18.63 -46.48
N PHE B 198 -20.50 19.16 -46.28
CA PHE B 198 -19.30 18.47 -46.72
C PHE B 198 -18.65 17.58 -45.67
N ILE B 199 -19.39 17.19 -44.62
CA ILE B 199 -18.88 16.25 -43.60
C ILE B 199 -19.79 15.03 -43.45
N LEU B 200 -20.96 15.18 -42.83
CA LEU B 200 -21.90 14.07 -42.76
C LEU B 200 -23.32 14.51 -43.11
N GLY B 201 -23.49 15.81 -43.33
CA GLY B 201 -24.78 16.39 -43.63
C GLY B 201 -25.15 16.45 -45.11
N SER B 202 -25.17 15.29 -45.76
CA SER B 202 -25.59 15.21 -47.16
C SER B 202 -26.72 14.19 -47.36
N GLU B 203 -27.22 14.07 -48.58
CA GLU B 203 -28.28 13.11 -48.89
C GLU B 203 -27.82 11.68 -48.62
N GLU B 204 -26.54 11.43 -48.85
CA GLU B 204 -25.97 10.09 -48.82
C GLU B 204 -25.33 9.73 -47.49
N LEU B 205 -25.19 10.68 -46.58
CA LEU B 205 -24.47 10.42 -45.32
C LEU B 205 -25.24 10.76 -44.03
N TRP B 206 -26.34 11.50 -44.12
CA TRP B 206 -27.09 11.90 -42.90
C TRP B 206 -27.49 10.72 -42.01
N PRO B 207 -27.65 9.50 -42.59
CA PRO B 207 -27.86 8.42 -41.61
C PRO B 207 -26.68 8.23 -40.65
N LEU B 208 -25.46 8.53 -41.08
CA LEU B 208 -24.28 8.41 -40.22
C LEU B 208 -24.19 9.59 -39.29
N LEU B 209 -24.71 10.72 -39.75
CA LEU B 209 -24.82 11.87 -38.91
C LEU B 209 -25.63 11.49 -37.68
N LEU B 210 -26.75 10.82 -37.89
CA LEU B 210 -27.64 10.49 -36.78
C LEU B 210 -27.19 9.21 -36.06
N GLY B 211 -26.55 8.32 -36.80
CA GLY B 211 -26.14 7.05 -36.24
C GLY B 211 -24.85 7.20 -35.44
N PHE B 212 -24.17 8.33 -35.63
CA PHE B 212 -22.88 8.57 -34.98
C PHE B 212 -22.91 8.31 -33.49
N THR B 213 -24.05 8.57 -32.89
CA THR B 213 -24.13 8.50 -31.45
C THR B 213 -23.70 7.13 -30.89
N ILE B 214 -23.80 6.08 -31.70
CA ILE B 214 -23.37 4.72 -31.34
C ILE B 214 -21.88 4.62 -30.96
N LEU B 215 -21.02 5.33 -31.69
CA LEU B 215 -19.57 5.22 -31.45
C LEU B 215 -19.13 5.68 -30.03
N PRO B 216 -19.60 6.85 -29.54
CA PRO B 216 -19.19 7.13 -28.16
C PRO B 216 -19.71 6.11 -27.14
N ALA B 217 -20.89 5.54 -27.37
CA ALA B 217 -21.41 4.52 -26.46
C ALA B 217 -20.50 3.27 -26.40
N ILE B 218 -19.97 2.84 -27.56
CA ILE B 218 -19.06 1.70 -27.60
C ILE B 218 -17.71 2.03 -26.94
N LEU B 219 -17.20 3.22 -27.20
CA LEU B 219 -16.06 3.71 -26.46
C LEU B 219 -16.40 3.82 -24.95
N GLN B 220 -17.58 4.33 -24.61
CA GLN B 220 -17.87 4.45 -23.20
C GLN B 220 -17.99 3.09 -22.51
N SER B 221 -18.66 2.14 -23.16
CA SER B 221 -18.84 0.81 -22.57
C SER B 221 -17.52 0.05 -22.42
N ALA B 222 -16.55 0.39 -23.24
CA ALA B 222 -15.22 -0.20 -23.13
C ALA B 222 -14.44 0.43 -21.96
N ALA B 223 -14.64 1.72 -21.71
CA ALA B 223 -13.85 2.40 -20.67
C ALA B 223 -14.47 2.25 -19.27
N LEU B 224 -15.79 2.33 -19.16
CA LEU B 224 -16.47 2.29 -17.85
C LEU B 224 -16.02 1.23 -16.81
N PRO B 225 -15.67 0.00 -17.24
CA PRO B 225 -15.36 -0.98 -16.20
C PRO B 225 -14.02 -0.75 -15.49
N PHE B 226 -13.19 0.15 -16.01
CA PHE B 226 -11.94 0.54 -15.35
C PHE B 226 -12.10 1.85 -14.54
N CYS B 227 -13.29 2.45 -14.62
CA CYS B 227 -13.68 3.57 -13.77
C CYS B 227 -14.26 3.01 -12.50
N PRO B 228 -13.77 3.49 -11.35
CA PRO B 228 -14.31 2.83 -10.15
C PRO B 228 -15.75 3.26 -9.88
N GLU B 229 -16.50 2.39 -9.21
CA GLU B 229 -17.76 2.81 -8.60
C GLU B 229 -17.46 3.91 -7.57
N SER B 230 -18.42 4.81 -7.38
CA SER B 230 -18.36 5.80 -6.30
C SER B 230 -18.10 5.19 -4.91
N PRO B 231 -17.07 5.69 -4.20
CA PRO B 231 -16.71 5.22 -2.85
C PRO B 231 -17.74 5.62 -1.81
N ARG B 232 -18.50 6.67 -2.11
CA ARG B 232 -19.62 7.07 -1.26
C ARG B 232 -20.70 6.03 -1.35
N PHE B 233 -20.94 5.54 -2.55
CA PHE B 233 -21.92 4.48 -2.73
C PHE B 233 -21.51 3.17 -2.05
N LEU B 234 -20.27 2.73 -2.29
CA LEU B 234 -19.77 1.50 -1.67
C LEU B 234 -19.83 1.59 -0.16
N LEU B 235 -19.32 2.69 0.41
CA LEU B 235 -19.29 2.84 1.85
C LEU B 235 -20.68 3.06 2.43
N ILE B 236 -21.42 4.04 1.91
CA ILE B 236 -22.70 4.39 2.52
C ILE B 236 -23.84 3.44 2.13
N ASN B 237 -23.93 3.06 0.86
CA ASN B 237 -25.03 2.19 0.40
C ASN B 237 -24.74 0.66 0.51
N ARG B 238 -23.47 0.27 0.39
CA ARG B 238 -23.13 -1.15 0.36
C ARG B 238 -22.34 -1.57 1.61
N LYS B 239 -22.08 -0.61 2.50
CA LYS B 239 -21.39 -0.86 3.75
C LYS B 239 -19.99 -1.49 3.54
N GLU B 240 -19.30 -1.08 2.48
CA GLU B 240 -17.95 -1.57 2.18
C GLU B 240 -16.89 -0.50 2.44
N GLU B 241 -16.54 -0.30 3.71
CA GLU B 241 -15.63 0.76 4.09
C GLU B 241 -14.24 0.64 3.44
N GLU B 242 -13.60 -0.51 3.57
CA GLU B 242 -12.19 -0.61 3.20
C GLU B 242 -11.99 -0.56 1.68
N ASN B 243 -12.85 -1.23 0.91
CA ASN B 243 -12.80 -1.15 -0.55
C ASN B 243 -13.06 0.28 -1.03
N ALA B 244 -13.96 0.99 -0.35
CA ALA B 244 -14.15 2.42 -0.58
C ALA B 244 -12.86 3.22 -0.30
N LYS B 245 -12.23 2.96 0.83
CA LYS B 245 -10.98 3.63 1.18
C LYS B 245 -9.89 3.46 0.12
N GLN B 246 -9.74 2.24 -0.40
CA GLN B 246 -8.74 1.95 -1.43
C GLN B 246 -9.02 2.71 -2.74
N ILE B 247 -10.30 2.89 -3.09
CA ILE B 247 -10.68 3.70 -4.24
C ILE B 247 -10.23 5.15 -3.99
N LEU B 248 -10.55 5.69 -2.82
CA LEU B 248 -10.20 7.06 -2.45
C LEU B 248 -8.71 7.35 -2.53
N GLN B 249 -7.90 6.46 -1.98
CA GLN B 249 -6.46 6.66 -1.95
C GLN B 249 -5.87 6.80 -3.36
N ARG B 250 -6.37 6.02 -4.29
CA ARG B 250 -5.86 6.06 -5.66
C ARG B 250 -6.47 7.23 -6.44
N LEU B 251 -7.76 7.52 -6.26
CA LEU B 251 -8.39 8.66 -6.94
C LEU B 251 -7.78 9.99 -6.53
N TRP B 252 -7.48 10.16 -5.25
CA TRP B 252 -6.98 11.45 -4.75
C TRP B 252 -5.47 11.44 -4.50
N GLY B 253 -4.83 10.31 -4.81
CA GLY B 253 -3.38 10.20 -4.78
C GLY B 253 -2.73 10.51 -3.43
N THR B 254 -3.39 10.07 -2.36
CA THR B 254 -2.92 10.32 -1.02
C THR B 254 -3.30 9.12 -0.17
N GLN B 255 -2.52 8.85 0.87
CA GLN B 255 -2.77 7.70 1.74
C GLN B 255 -3.65 8.10 2.92
N ASP B 256 -3.54 9.37 3.31
CA ASP B 256 -4.39 9.97 4.33
C ASP B 256 -5.71 10.41 3.73
N VAL B 257 -6.77 9.66 3.99
CA VAL B 257 -8.10 9.98 3.48
C VAL B 257 -9.11 9.73 4.58
N SER B 258 -8.65 9.77 5.83
CA SER B 258 -9.47 9.39 6.98
C SER B 258 -10.52 10.43 7.35
N GLN B 259 -10.25 11.70 7.12
CA GLN B 259 -11.24 12.76 7.32
C GLN B 259 -12.43 12.56 6.37
N ASP B 260 -12.13 12.28 5.11
CA ASP B 260 -13.18 12.05 4.14
C ASP B 260 -13.95 10.77 4.47
N ILE B 261 -13.22 9.72 4.85
CA ILE B 261 -13.86 8.45 5.21
C ILE B 261 -14.73 8.63 6.45
N GLN B 262 -14.31 9.51 7.36
CA GLN B 262 -15.10 9.76 8.55
C GLN B 262 -16.38 10.52 8.21
N GLU B 263 -16.29 11.51 7.34
CA GLU B 263 -17.46 12.24 6.87
C GLU B 263 -18.43 11.29 6.17
N MET B 264 -17.89 10.28 5.50
CA MET B 264 -18.70 9.29 4.80
C MET B 264 -19.33 8.31 5.79
N LYS B 265 -18.64 8.06 6.89
CA LYS B 265 -19.16 7.19 7.95
C LYS B 265 -20.34 7.82 8.70
N ASP B 266 -20.33 9.14 8.83
CA ASP B 266 -21.46 9.82 9.45
C ASP B 266 -22.65 9.97 8.52
N GLU B 267 -22.40 10.27 7.23
CA GLU B 267 -23.49 10.29 6.25
C GLU B 267 -24.19 8.94 6.25
N SER B 268 -23.39 7.89 6.44
CA SER B 268 -23.88 6.51 6.44
C SER B 268 -24.79 6.29 7.64
N ALA B 269 -24.33 6.71 8.81
CA ALA B 269 -25.15 6.62 10.02
C ALA B 269 -26.47 7.37 9.83
N ARG B 270 -26.39 8.58 9.27
CA ARG B 270 -27.59 9.36 8.95
C ARG B 270 -28.54 8.55 8.07
N MET B 271 -27.99 7.85 7.07
CA MET B 271 -28.86 7.16 6.14
C MET B 271 -29.48 5.88 6.71
N SER B 272 -28.68 5.13 7.47
CA SER B 272 -29.16 3.95 8.21
C SER B 272 -30.30 4.27 9.19
N GLN B 273 -30.41 5.54 9.60
CA GLN B 273 -31.39 5.93 10.61
C GLN B 273 -32.63 6.64 10.08
N GLU B 274 -32.64 6.97 8.80
CA GLU B 274 -33.74 7.69 8.18
C GLU B 274 -34.56 6.80 7.28
N LYS B 275 -35.86 7.08 7.17
CA LYS B 275 -36.72 6.38 6.22
C LYS B 275 -36.18 6.52 4.80
N GLN B 276 -36.46 5.55 3.95
CA GLN B 276 -36.01 5.64 2.56
C GLN B 276 -36.86 6.63 1.79
N VAL B 277 -36.20 7.45 0.98
CA VAL B 277 -36.86 8.61 0.42
C VAL B 277 -37.44 8.37 -0.98
N THR B 278 -38.77 8.31 -1.09
CA THR B 278 -39.44 8.28 -2.40
C THR B 278 -39.68 9.68 -2.95
N VAL B 279 -40.16 9.76 -4.19
CA VAL B 279 -40.46 11.06 -4.79
C VAL B 279 -41.53 11.77 -3.98
N LEU B 280 -42.65 11.09 -3.77
CA LEU B 280 -43.77 11.67 -3.04
C LEU B 280 -43.36 12.23 -1.69
N GLU B 281 -42.49 11.51 -0.99
CA GLU B 281 -42.07 11.90 0.36
C GLU B 281 -41.20 13.17 0.38
N LEU B 282 -40.48 13.46 -0.71
CA LEU B 282 -39.72 14.70 -0.81
C LEU B 282 -40.58 15.92 -0.54
N PHE B 283 -41.86 15.80 -0.85
CA PHE B 283 -42.75 16.94 -0.75
C PHE B 283 -43.49 16.93 0.59
N ARG B 284 -43.35 15.85 1.34
CA ARG B 284 -43.97 15.75 2.66
C ARG B 284 -42.99 16.01 3.81
N VAL B 285 -41.70 15.78 3.60
CA VAL B 285 -40.69 16.11 4.62
C VAL B 285 -40.23 17.56 4.50
N SER B 286 -40.33 18.34 5.57
CA SER B 286 -40.11 19.78 5.43
C SER B 286 -38.63 20.19 5.32
N SER B 287 -37.73 19.37 5.87
CA SER B 287 -36.31 19.61 5.66
C SER B 287 -35.88 19.30 4.22
N TYR B 288 -36.76 18.67 3.43
CA TYR B 288 -36.52 18.44 2.00
C TYR B 288 -37.22 19.47 1.11
N ARG B 289 -38.30 20.06 1.62
CA ARG B 289 -39.17 20.86 0.77
C ARG B 289 -38.45 22.07 0.22
N GLN B 290 -37.61 22.68 1.05
CA GLN B 290 -36.90 23.85 0.57
C GLN B 290 -35.83 23.48 -0.48
N PRO B 291 -34.99 22.44 -0.21
CA PRO B 291 -34.01 22.11 -1.24
C PRO B 291 -34.63 21.68 -2.57
N ILE B 292 -35.84 21.15 -2.54
CA ILE B 292 -36.40 20.59 -3.75
C ILE B 292 -37.06 21.72 -4.52
N ILE B 293 -37.53 22.74 -3.79
CA ILE B 293 -38.01 23.98 -4.39
C ILE B 293 -36.87 24.73 -5.06
N ILE B 294 -35.76 24.89 -4.33
CA ILE B 294 -34.59 25.51 -4.92
C ILE B 294 -34.16 24.73 -6.17
N SER B 295 -34.11 23.39 -6.06
CA SER B 295 -33.71 22.50 -7.16
C SER B 295 -34.57 22.67 -8.39
N ILE B 296 -35.89 22.68 -8.21
CA ILE B 296 -36.81 22.80 -9.33
C ILE B 296 -36.74 24.19 -9.97
N VAL B 297 -36.80 25.22 -9.14
CA VAL B 297 -36.80 26.59 -9.64
C VAL B 297 -35.52 26.93 -10.41
N LEU B 298 -34.37 26.43 -9.96
CA LEU B 298 -33.13 26.68 -10.70
C LEU B 298 -33.19 26.08 -12.12
N GLN B 299 -33.74 24.87 -12.26
CA GLN B 299 -33.94 24.25 -13.58
C GLN B 299 -34.80 25.16 -14.46
N LEU B 300 -35.85 25.73 -13.85
CA LEU B 300 -36.73 26.65 -14.55
C LEU B 300 -35.97 27.93 -14.95
N SER B 301 -35.00 28.33 -14.13
CA SER B 301 -34.26 29.55 -14.40
C SER B 301 -33.30 29.38 -15.57
N GLN B 302 -32.99 28.12 -15.88
CA GLN B 302 -32.24 27.77 -17.07
C GLN B 302 -33.17 27.79 -18.29
N GLN B 303 -34.27 27.05 -18.21
CA GLN B 303 -35.12 26.82 -19.38
C GLN B 303 -36.09 27.99 -19.68
N LEU B 304 -36.39 28.80 -18.67
CA LEU B 304 -37.25 29.97 -18.85
C LEU B 304 -36.43 31.25 -18.98
N SER B 305 -35.14 31.09 -19.27
CA SER B 305 -34.24 32.21 -19.50
C SER B 305 -34.43 32.82 -20.88
N GLY B 306 -35.16 32.14 -21.73
CA GLY B 306 -35.23 32.58 -23.10
C GLY B 306 -34.05 32.02 -23.86
N ILE B 307 -33.45 30.91 -23.43
CA ILE B 307 -32.24 30.45 -24.10
C ILE B 307 -32.49 29.70 -25.45
N ASN B 308 -33.54 28.86 -25.48
CA ASN B 308 -34.06 28.20 -26.68
C ASN B 308 -34.62 29.24 -27.64
N ALA B 309 -35.51 30.04 -27.08
CA ALA B 309 -36.15 31.14 -27.72
C ALA B 309 -35.12 31.99 -28.52
N VAL B 310 -33.98 32.33 -27.91
CA VAL B 310 -32.90 33.05 -28.55
C VAL B 310 -32.23 32.22 -29.67
N PHE B 311 -32.01 30.92 -29.44
CA PHE B 311 -31.46 30.06 -30.48
C PHE B 311 -32.46 29.90 -31.64
N TYR B 312 -33.73 30.19 -31.38
CA TYR B 312 -34.80 30.13 -32.38
C TYR B 312 -34.71 31.27 -33.37
N TYR B 313 -34.82 32.49 -32.86
CA TYR B 313 -34.73 33.70 -33.69
C TYR B 313 -33.41 33.78 -34.45
N SER B 314 -32.38 33.18 -33.88
CA SER B 314 -31.00 33.35 -34.34
C SER B 314 -30.80 33.12 -35.83
N THR B 315 -31.32 32.01 -36.35
CA THR B 315 -31.20 31.69 -37.77
C THR B 315 -31.77 32.79 -38.68
N GLY B 316 -33.04 33.12 -38.47
CA GLY B 316 -33.72 34.15 -39.22
C GLY B 316 -33.03 35.51 -39.14
N ILE B 317 -32.59 35.87 -37.93
CA ILE B 317 -31.87 37.12 -37.71
C ILE B 317 -30.52 37.14 -38.44
N PHE B 318 -29.84 35.99 -38.44
CA PHE B 318 -28.51 35.90 -39.02
C PHE B 318 -28.51 36.19 -40.52
N LYS B 319 -29.57 35.78 -41.21
CA LYS B 319 -29.64 36.02 -42.65
C LYS B 319 -30.18 37.42 -42.96
N ASP B 320 -31.28 37.81 -42.32
CA ASP B 320 -31.80 39.19 -42.37
C ASP B 320 -30.70 40.22 -42.05
N ALA B 321 -29.70 39.80 -41.28
CA ALA B 321 -28.57 40.66 -40.96
C ALA B 321 -27.47 40.62 -42.01
N GLY B 322 -27.30 39.48 -42.69
CA GLY B 322 -26.26 39.39 -43.70
C GLY B 322 -25.88 38.02 -44.28
N VAL B 323 -25.24 37.19 -43.46
CA VAL B 323 -24.60 35.94 -43.90
C VAL B 323 -25.54 34.96 -44.64
N GLN B 324 -25.11 34.45 -45.78
CA GLN B 324 -26.01 33.69 -46.63
C GLN B 324 -26.21 32.26 -46.10
N GLU B 325 -25.16 31.65 -45.58
CA GLU B 325 -25.32 30.38 -44.85
C GLU B 325 -25.09 30.61 -43.38
N PRO B 326 -26.19 30.65 -42.61
CA PRO B 326 -26.14 31.08 -41.20
C PRO B 326 -25.64 30.00 -40.25
N ILE B 327 -25.31 28.83 -40.78
CA ILE B 327 -24.83 27.71 -39.99
C ILE B 327 -23.41 27.98 -39.43
N TYR B 328 -22.67 28.87 -40.09
CA TYR B 328 -21.36 29.31 -39.59
C TYR B 328 -21.50 30.21 -38.38
N ALA B 329 -22.58 30.99 -38.38
CA ALA B 329 -22.88 31.88 -37.27
C ALA B 329 -23.38 31.09 -36.09
N THR B 330 -24.08 30.00 -36.40
CA THR B 330 -24.54 29.04 -35.40
C THR B 330 -23.34 28.33 -34.75
N ILE B 331 -22.40 27.89 -35.58
CA ILE B 331 -21.17 27.28 -35.11
C ILE B 331 -20.31 28.26 -34.31
N GLY B 332 -20.20 29.49 -34.82
CA GLY B 332 -19.50 30.56 -34.13
C GLY B 332 -20.11 30.90 -32.78
N ALA B 333 -21.43 30.83 -32.69
CA ALA B 333 -22.14 31.00 -31.43
C ALA B 333 -21.84 29.85 -30.46
N GLY B 334 -21.63 28.66 -30.99
CA GLY B 334 -21.19 27.50 -30.24
C GLY B 334 -19.83 27.62 -29.63
N VAL B 335 -18.95 28.28 -30.33
CA VAL B 335 -17.63 28.54 -29.85
C VAL B 335 -17.67 29.41 -28.61
N VAL B 336 -18.52 30.41 -28.66
CA VAL B 336 -18.69 31.34 -27.58
C VAL B 336 -19.24 30.66 -26.34
N ASN B 337 -20.16 29.77 -26.60
CA ASN B 337 -20.81 28.95 -25.62
C ASN B 337 -19.75 28.11 -24.90
N THR B 338 -18.85 27.54 -25.68
CA THR B 338 -17.78 26.76 -25.10
C THR B 338 -16.87 27.60 -24.25
N ILE B 339 -16.53 28.76 -24.75
CA ILE B 339 -15.57 29.59 -24.07
C ILE B 339 -16.09 29.98 -22.70
N PHE B 340 -17.37 30.32 -22.66
CA PHE B 340 -17.88 30.84 -21.42
C PHE B 340 -18.21 29.77 -20.43
N THR B 341 -18.44 28.57 -20.93
CA THR B 341 -18.54 27.44 -20.06
C THR B 341 -17.21 27.25 -19.38
N VAL B 342 -16.16 27.41 -20.14
CA VAL B 342 -14.83 27.30 -19.58
C VAL B 342 -14.52 28.38 -18.57
N VAL B 343 -15.04 29.58 -18.76
CA VAL B 343 -14.82 30.62 -17.78
C VAL B 343 -15.44 30.26 -16.44
N SER B 344 -16.63 29.75 -16.49
CA SER B 344 -17.43 29.44 -15.32
C SER B 344 -16.75 28.37 -14.47
N LEU B 345 -16.05 27.46 -15.13
CA LEU B 345 -15.33 26.36 -14.48
C LEU B 345 -14.23 26.90 -13.57
N PHE B 346 -13.55 27.92 -14.04
CA PHE B 346 -12.46 28.55 -13.35
C PHE B 346 -12.91 29.57 -12.32
N LEU B 347 -14.19 29.79 -12.21
CA LEU B 347 -14.72 30.77 -11.29
C LEU B 347 -15.58 30.15 -10.18
N VAL B 348 -16.20 29.01 -10.45
CA VAL B 348 -17.27 28.48 -9.59
C VAL B 348 -16.82 28.06 -8.18
N GLU B 349 -15.56 27.68 -7.99
CA GLU B 349 -15.09 27.37 -6.66
C GLU B 349 -14.69 28.63 -5.88
N ARG B 350 -14.19 29.65 -6.57
CA ARG B 350 -13.84 30.92 -5.95
C ARG B 350 -15.05 31.83 -5.68
N ALA B 351 -15.79 32.19 -6.73
CA ALA B 351 -16.91 33.13 -6.65
C ALA B 351 -18.17 32.53 -6.01
N GLY B 352 -18.30 31.21 -6.09
CA GLY B 352 -19.46 30.51 -5.54
C GLY B 352 -20.60 30.42 -6.54
N ARG B 353 -21.59 29.61 -6.20
CA ARG B 353 -22.68 29.31 -7.10
C ARG B 353 -23.70 30.43 -7.18
N ARG B 354 -24.01 31.01 -6.02
CA ARG B 354 -24.87 32.19 -5.92
C ARG B 354 -24.45 33.29 -6.89
N THR B 355 -23.16 33.61 -6.88
CA THR B 355 -22.63 34.72 -7.66
C THR B 355 -22.73 34.51 -9.15
N LEU B 356 -22.24 33.37 -9.63
CA LEU B 356 -22.21 33.11 -11.04
C LEU B 356 -23.64 32.98 -11.57
N HIS B 357 -24.54 32.46 -10.73
CA HIS B 357 -25.89 32.26 -11.19
C HIS B 357 -26.63 33.58 -11.30
N MET B 358 -26.40 34.47 -10.36
CA MET B 358 -27.00 35.79 -10.41
C MET B 358 -26.41 36.70 -11.48
N ILE B 359 -25.13 36.52 -11.78
CA ILE B 359 -24.48 37.28 -12.86
C ILE B 359 -25.09 36.93 -14.21
N GLY B 360 -25.26 35.63 -14.45
CA GLY B 360 -25.92 35.15 -15.62
C GLY B 360 -27.33 35.69 -15.77
N LEU B 361 -28.11 35.58 -14.71
CA LEU B 361 -29.52 35.95 -14.79
C LEU B 361 -29.71 37.43 -15.19
N GLY B 362 -28.86 38.32 -14.66
CA GLY B 362 -28.97 39.75 -14.92
C GLY B 362 -28.41 40.24 -16.26
N GLY B 363 -27.36 39.60 -16.73
CA GLY B 363 -26.75 39.98 -17.99
C GLY B 363 -27.62 39.54 -19.14
N MET B 364 -28.30 38.41 -18.96
CA MET B 364 -29.34 37.94 -19.88
C MET B 364 -30.55 38.90 -19.87
N ALA B 365 -30.92 39.41 -18.69
CA ALA B 365 -32.02 40.37 -18.55
C ALA B 365 -31.74 41.63 -19.39
N PHE B 366 -30.54 42.16 -19.25
CA PHE B 366 -30.15 43.33 -20.00
C PHE B 366 -30.11 43.08 -21.51
N CYS B 367 -29.63 41.90 -21.91
CA CYS B 367 -29.53 41.53 -23.31
C CYS B 367 -30.85 41.26 -24.01
N SER B 368 -31.79 40.59 -23.34
CA SER B 368 -33.09 40.28 -23.95
C SER B 368 -33.88 41.57 -24.15
N THR B 369 -33.79 42.48 -23.18
CA THR B 369 -34.39 43.79 -23.29
C THR B 369 -33.79 44.55 -24.48
N LEU B 370 -32.48 44.40 -24.67
CA LEU B 370 -31.79 44.98 -25.81
C LEU B 370 -32.27 44.38 -27.13
N MET B 371 -32.67 43.11 -27.10
CA MET B 371 -33.19 42.47 -28.30
C MET B 371 -34.55 43.03 -28.71
N THR B 372 -35.42 43.25 -27.73
CA THR B 372 -36.73 43.85 -27.96
C THR B 372 -36.56 45.24 -28.59
N VAL B 373 -35.71 46.07 -27.99
CA VAL B 373 -35.44 47.38 -28.55
C VAL B 373 -34.83 47.25 -29.95
N SER B 374 -33.87 46.35 -30.12
CA SER B 374 -33.23 46.12 -31.41
C SER B 374 -34.24 45.85 -32.51
N LEU B 375 -35.24 45.04 -32.20
CA LEU B 375 -36.20 44.57 -33.19
C LEU B 375 -37.33 45.57 -33.42
N LEU B 376 -37.63 46.36 -32.38
CA LEU B 376 -38.66 47.39 -32.46
C LEU B 376 -38.22 48.56 -33.33
N LEU B 377 -36.92 48.70 -33.53
CA LEU B 377 -36.40 49.76 -34.36
C LEU B 377 -35.71 49.15 -35.57
N LYS B 378 -35.89 47.84 -35.76
CA LYS B 378 -35.16 46.99 -36.72
C LYS B 378 -34.67 47.72 -37.97
N ASP B 379 -35.58 48.30 -38.74
CA ASP B 379 -35.14 49.17 -39.80
C ASP B 379 -36.01 50.42 -39.89
N ASN B 380 -36.40 50.93 -38.72
CA ASN B 380 -36.61 52.37 -38.58
C ASN B 380 -35.20 52.97 -38.60
N TYR B 381 -34.21 52.16 -38.22
CA TYR B 381 -32.79 52.49 -38.33
C TYR B 381 -32.04 51.33 -38.98
N ASN B 382 -31.05 51.64 -39.80
CA ASN B 382 -30.50 50.67 -40.75
C ASN B 382 -29.76 49.44 -40.20
N GLY B 383 -29.01 49.57 -39.12
CA GLY B 383 -28.12 48.51 -38.70
C GLY B 383 -28.52 47.61 -37.53
N MET B 384 -29.77 47.73 -37.09
CA MET B 384 -30.25 47.06 -35.87
C MET B 384 -30.05 45.55 -35.82
N SER B 385 -29.98 44.90 -36.98
CA SER B 385 -29.78 43.45 -37.04
C SER B 385 -28.38 43.04 -36.60
N PHE B 386 -27.43 43.97 -36.71
CA PHE B 386 -26.11 43.76 -36.09
C PHE B 386 -26.22 43.82 -34.57
N VAL B 387 -26.90 44.86 -34.06
CA VAL B 387 -27.08 45.04 -32.63
C VAL B 387 -27.69 43.78 -32.02
N CYS B 388 -28.67 43.25 -32.74
CA CYS B 388 -29.41 42.06 -32.32
C CYS B 388 -28.52 40.82 -32.24
N ILE B 389 -27.63 40.64 -33.21
CA ILE B 389 -26.67 39.53 -33.17
C ILE B 389 -25.75 39.65 -31.95
N GLY B 390 -25.28 40.87 -31.69
CA GLY B 390 -24.39 41.12 -30.58
C GLY B 390 -25.08 40.81 -29.27
N ALA B 391 -26.37 41.10 -29.20
CA ALA B 391 -27.15 40.83 -28.01
C ALA B 391 -27.28 39.34 -27.77
N ILE B 392 -27.47 38.58 -28.84
CA ILE B 392 -27.59 37.15 -28.77
C ILE B 392 -26.29 36.49 -28.31
N LEU B 393 -25.16 36.96 -28.84
CA LEU B 393 -23.87 36.38 -28.48
C LEU B 393 -23.44 36.79 -27.08
N VAL B 394 -23.94 37.92 -26.59
CA VAL B 394 -23.58 38.31 -25.23
C VAL B 394 -24.49 37.53 -24.27
N PHE B 395 -25.75 37.37 -24.68
CA PHE B 395 -26.70 36.54 -23.99
C PHE B 395 -26.14 35.13 -23.72
N VAL B 396 -25.61 34.50 -24.77
CA VAL B 396 -25.11 33.13 -24.66
C VAL B 396 -23.95 33.08 -23.65
N ALA B 397 -23.12 34.12 -23.65
CA ALA B 397 -22.04 34.27 -22.69
C ALA B 397 -22.55 34.30 -21.25
N PHE B 398 -23.62 35.05 -20.99
CA PHE B 398 -24.09 35.15 -19.60
C PHE B 398 -24.76 33.87 -19.17
N PHE B 399 -25.39 33.18 -20.12
CA PHE B 399 -26.04 31.90 -19.84
C PHE B 399 -25.01 30.90 -19.30
N GLU B 400 -23.84 30.83 -19.93
CA GLU B 400 -22.85 29.82 -19.54
C GLU B 400 -22.05 30.22 -18.31
N ILE B 401 -22.16 31.47 -17.90
CA ILE B 401 -21.52 31.95 -16.68
C ILE B 401 -22.00 31.16 -15.47
N GLY B 402 -23.30 30.90 -15.43
CA GLY B 402 -23.88 30.20 -14.30
C GLY B 402 -25.09 29.36 -14.65
N PRO B 403 -26.16 30.01 -15.15
CA PRO B 403 -27.43 29.30 -15.36
C PRO B 403 -27.35 28.07 -16.27
N GLY B 404 -26.32 27.98 -17.10
CA GLY B 404 -26.09 26.78 -17.89
C GLY B 404 -25.55 25.67 -16.99
N PRO B 405 -24.29 25.84 -16.50
CA PRO B 405 -23.64 24.77 -15.73
C PRO B 405 -24.23 24.47 -14.37
N ILE B 406 -24.57 25.49 -13.59
CA ILE B 406 -24.90 25.25 -12.19
C ILE B 406 -26.18 24.41 -11.92
N PRO B 407 -27.30 24.65 -12.63
CA PRO B 407 -28.47 23.83 -12.28
C PRO B 407 -28.30 22.30 -12.50
N TRP B 408 -27.41 21.88 -13.38
CA TRP B 408 -27.18 20.45 -13.56
C TRP B 408 -26.43 19.75 -12.39
N PHE B 409 -25.54 20.44 -11.69
CA PHE B 409 -24.77 19.76 -10.63
C PHE B 409 -25.16 20.18 -9.22
N ILE B 410 -25.99 21.21 -9.09
CA ILE B 410 -26.28 21.72 -7.76
C ILE B 410 -27.30 20.88 -6.96
N VAL B 411 -28.27 20.28 -7.63
CA VAL B 411 -29.19 19.36 -6.95
C VAL B 411 -28.43 18.24 -6.21
N ALA B 412 -27.33 17.79 -6.79
CA ALA B 412 -26.49 16.79 -6.17
C ALA B 412 -25.89 17.30 -4.85
N GLU B 413 -25.60 18.59 -4.75
CA GLU B 413 -25.03 19.12 -3.49
C GLU B 413 -26.09 19.54 -2.48
N LEU B 414 -27.32 19.75 -2.95
CA LEU B 414 -28.39 20.22 -2.09
C LEU B 414 -28.97 19.12 -1.21
N PHE B 415 -28.57 17.87 -1.49
CA PHE B 415 -29.12 16.69 -0.83
C PHE B 415 -28.02 15.69 -0.39
N SER B 416 -28.23 15.01 0.74
CA SER B 416 -27.31 13.96 1.18
C SER B 416 -27.67 12.66 0.47
N GLN B 417 -26.95 11.58 0.79
CA GLN B 417 -26.98 10.33 0.01
C GLN B 417 -28.36 9.70 -0.16
N GLY B 418 -29.17 9.74 0.89
CA GLY B 418 -30.49 9.10 0.87
C GLY B 418 -31.52 9.74 -0.04
N PRO B 419 -31.70 11.07 0.03
CA PRO B 419 -32.68 11.69 -0.86
C PRO B 419 -32.20 11.96 -2.29
N ARG B 420 -30.88 11.93 -2.54
CA ARG B 420 -30.31 12.43 -3.79
C ARG B 420 -30.95 11.82 -5.05
N PRO B 421 -31.08 10.47 -5.13
CA PRO B 421 -31.72 9.87 -6.31
C PRO B 421 -33.11 10.43 -6.64
N ALA B 422 -33.97 10.53 -5.64
CA ALA B 422 -35.34 11.01 -5.85
C ALA B 422 -35.36 12.50 -6.25
N ALA B 423 -34.50 13.29 -5.62
CA ALA B 423 -34.39 14.72 -5.91
C ALA B 423 -33.90 14.97 -7.35
N MET B 424 -32.92 14.20 -7.78
CA MET B 424 -32.39 14.35 -9.13
C MET B 424 -33.34 13.80 -10.22
N ALA B 425 -34.15 12.79 -9.88
CA ALA B 425 -35.20 12.35 -10.79
C ALA B 425 -36.26 13.45 -10.98
N VAL B 426 -36.65 14.09 -9.88
CA VAL B 426 -37.66 15.15 -9.93
C VAL B 426 -37.10 16.41 -10.57
N ALA B 427 -35.95 16.88 -10.10
CA ALA B 427 -35.32 18.07 -10.68
C ALA B 427 -35.00 17.87 -12.17
N GLY B 428 -34.35 16.76 -12.51
CA GLY B 428 -34.04 16.47 -13.90
C GLY B 428 -35.26 16.41 -14.81
N CYS B 429 -36.37 15.88 -14.32
CA CYS B 429 -37.59 15.84 -15.14
C CYS B 429 -38.17 17.24 -15.37
N SER B 430 -38.20 18.05 -14.32
CA SER B 430 -38.70 19.41 -14.45
C SER B 430 -37.85 20.24 -15.42
N ASN B 431 -36.59 19.88 -15.59
CA ASN B 431 -35.70 20.51 -16.58
C ASN B 431 -36.17 20.19 -18.00
N TRP B 432 -36.20 18.89 -18.31
CA TRP B 432 -36.68 18.39 -19.60
C TRP B 432 -38.11 18.82 -19.93
N THR B 433 -39.00 18.73 -18.94
CA THR B 433 -40.40 19.14 -19.10
C THR B 433 -40.51 20.63 -19.45
N SER B 434 -39.83 21.49 -18.72
CA SER B 434 -39.92 22.91 -19.04
C SER B 434 -39.26 23.20 -20.40
N ASN B 435 -38.17 22.51 -20.71
CA ASN B 435 -37.63 22.58 -22.08
C ASN B 435 -38.65 22.15 -23.15
N PHE B 436 -39.44 21.14 -22.84
CA PHE B 436 -40.45 20.65 -23.77
C PHE B 436 -41.55 21.70 -23.99
N LEU B 437 -42.13 22.21 -22.89
CA LEU B 437 -43.20 23.19 -22.98
C LEU B 437 -42.77 24.47 -23.68
N VAL B 438 -41.57 24.96 -23.37
CA VAL B 438 -41.08 26.19 -23.98
C VAL B 438 -41.01 26.03 -25.51
N GLY B 439 -40.48 24.91 -26.00
CA GLY B 439 -40.42 24.65 -27.44
C GLY B 439 -41.80 24.49 -28.08
N LEU B 440 -42.74 24.05 -27.26
CA LEU B 440 -44.12 23.88 -27.68
C LEU B 440 -44.86 25.23 -27.78
N LEU B 441 -44.68 26.10 -26.79
CA LEU B 441 -45.52 27.30 -26.69
C LEU B 441 -44.89 28.58 -27.26
N PHE B 442 -43.58 28.62 -27.40
CA PHE B 442 -42.93 29.84 -27.84
C PHE B 442 -43.34 30.30 -29.24
N PRO B 443 -43.51 29.37 -30.20
CA PRO B 443 -43.91 29.91 -31.51
C PRO B 443 -45.23 30.69 -31.48
N SER B 444 -46.19 30.25 -30.65
CA SER B 444 -47.42 31.00 -30.43
C SER B 444 -47.13 32.37 -29.84
N ALA B 445 -46.41 32.40 -28.73
CA ALA B 445 -46.10 33.64 -28.02
C ALA B 445 -45.46 34.65 -28.94
N ALA B 446 -44.52 34.18 -29.77
CA ALA B 446 -43.82 35.03 -30.72
C ALA B 446 -44.77 35.61 -31.77
N HIS B 447 -45.76 34.81 -32.16
CA HIS B 447 -46.74 35.21 -33.16
C HIS B 447 -47.60 36.38 -32.66
N TYR B 448 -48.11 36.29 -31.43
CA TYR B 448 -48.97 37.35 -30.93
C TYR B 448 -48.17 38.54 -30.42
N LEU B 449 -46.99 38.28 -29.85
CA LEU B 449 -46.21 39.33 -29.18
C LEU B 449 -45.10 39.99 -30.00
N GLY B 450 -44.56 39.28 -31.00
CA GLY B 450 -43.49 39.83 -31.81
C GLY B 450 -42.21 40.07 -31.03
N ALA B 451 -41.68 41.29 -31.11
CA ALA B 451 -40.45 41.67 -30.43
C ALA B 451 -40.61 41.68 -28.91
N TYR B 452 -41.83 41.93 -28.46
CA TYR B 452 -42.11 42.05 -27.02
C TYR B 452 -42.08 40.70 -26.31
N VAL B 453 -41.81 39.62 -27.05
CA VAL B 453 -41.79 38.31 -26.42
C VAL B 453 -40.56 38.17 -25.53
N PHE B 454 -39.47 38.85 -25.89
CA PHE B 454 -38.24 38.76 -25.13
C PHE B 454 -38.37 39.46 -23.77
N ILE B 455 -39.34 40.35 -23.68
CA ILE B 455 -39.67 41.05 -22.44
C ILE B 455 -40.29 40.09 -21.42
N ILE B 456 -40.95 39.04 -21.90
CA ILE B 456 -41.47 38.01 -21.00
C ILE B 456 -40.33 37.24 -20.35
N PHE B 457 -39.23 37.07 -21.09
CA PHE B 457 -38.06 36.39 -20.54
C PHE B 457 -37.28 37.32 -19.60
N THR B 458 -37.27 38.61 -19.89
CA THR B 458 -36.70 39.60 -18.97
C THR B 458 -37.39 39.58 -17.60
N GLY B 459 -38.70 39.35 -17.60
CA GLY B 459 -39.45 39.29 -16.36
C GLY B 459 -39.18 38.02 -15.57
N PHE B 460 -39.13 36.88 -16.27
CA PHE B 460 -38.73 35.62 -15.67
C PHE B 460 -37.35 35.76 -15.04
N LEU B 461 -36.42 36.32 -15.81
CA LEU B 461 -35.03 36.48 -15.38
C LEU B 461 -34.91 37.34 -14.11
N ILE B 462 -35.65 38.45 -14.06
CA ILE B 462 -35.64 39.33 -12.90
C ILE B 462 -36.22 38.60 -11.69
N THR B 463 -37.30 37.86 -11.91
CA THR B 463 -37.95 37.12 -10.82
C THR B 463 -37.02 36.06 -10.25
N PHE B 464 -36.31 35.38 -11.16
CA PHE B 464 -35.36 34.34 -10.79
C PHE B 464 -34.10 34.90 -10.12
N LEU B 465 -33.71 36.11 -10.51
CA LEU B 465 -32.60 36.82 -9.87
C LEU B 465 -32.95 37.17 -8.43
N ALA B 466 -34.16 37.68 -8.21
CA ALA B 466 -34.69 37.92 -6.87
C ALA B 466 -34.73 36.64 -6.05
N PHE B 467 -35.36 35.59 -6.58
CA PHE B 467 -35.42 34.29 -5.88
C PHE B 467 -34.05 33.80 -5.41
N THR B 468 -33.09 33.77 -6.32
CA THR B 468 -31.74 33.28 -6.01
C THR B 468 -31.10 34.10 -4.90
N PHE B 469 -31.37 35.40 -4.88
CA PHE B 469 -30.82 36.31 -3.90
C PHE B 469 -31.34 36.08 -2.47
N PHE B 470 -32.64 35.81 -2.33
CA PHE B 470 -33.23 35.63 -1.01
C PHE B 470 -33.30 34.17 -0.51
N LYS B 471 -33.36 33.21 -1.44
CA LYS B 471 -33.63 31.82 -1.11
C LYS B 471 -32.49 30.80 -1.26
N VAL B 472 -31.50 31.08 -2.08
CA VAL B 472 -30.49 30.07 -2.42
C VAL B 472 -29.23 30.16 -1.55
N PRO B 473 -29.06 29.22 -0.62
CA PRO B 473 -27.83 29.18 0.19
C PRO B 473 -26.59 28.91 -0.65
N GLU B 474 -25.43 29.30 -0.16
CA GLU B 474 -24.19 29.04 -0.85
C GLU B 474 -23.74 27.63 -0.48
N THR B 475 -23.23 26.89 -1.46
CA THR B 475 -22.82 25.48 -1.25
C THR B 475 -21.34 25.23 -1.56
N ARG B 476 -20.64 26.23 -2.08
CA ARG B 476 -19.23 26.10 -2.46
C ARG B 476 -18.34 25.55 -1.31
N GLY B 477 -17.73 24.39 -1.50
CA GLY B 477 -16.79 23.84 -0.55
C GLY B 477 -17.35 23.27 0.75
N ARG B 478 -18.67 23.16 0.84
CA ARG B 478 -19.29 22.65 2.04
C ARG B 478 -19.53 21.15 1.91
N THR B 479 -19.53 20.43 3.03
CA THR B 479 -19.85 19.01 2.98
C THR B 479 -21.35 18.81 2.74
N PHE B 480 -21.73 17.63 2.25
CA PHE B 480 -23.14 17.28 2.17
C PHE B 480 -23.78 17.33 3.54
N GLU B 481 -23.04 16.94 4.59
CA GLU B 481 -23.56 16.98 5.96
C GLU B 481 -23.87 18.40 6.46
N ASP B 482 -22.94 19.34 6.24
CA ASP B 482 -23.19 20.73 6.61
C ASP B 482 -24.41 21.31 5.90
N ILE B 483 -24.56 20.97 4.62
CA ILE B 483 -25.63 21.54 3.82
C ILE B 483 -26.97 21.06 4.37
N THR B 484 -27.04 19.78 4.72
CA THR B 484 -28.29 19.16 5.16
C THR B 484 -28.70 19.67 6.54
N ARG B 485 -27.72 19.79 7.43
CA ARG B 485 -27.98 20.30 8.78
C ARG B 485 -28.56 21.71 8.75
N ALA B 486 -27.97 22.58 7.93
CA ALA B 486 -28.46 23.94 7.80
C ALA B 486 -29.93 23.99 7.29
N PHE B 487 -30.34 23.01 6.50
CA PHE B 487 -31.73 22.94 6.07
C PHE B 487 -32.63 22.39 7.19
N GLU B 488 -32.10 21.43 7.94
CA GLU B 488 -32.82 20.89 9.09
C GLU B 488 -32.99 21.97 10.17
N GLY B 489 -31.93 22.74 10.41
CA GLY B 489 -31.96 23.83 11.37
C GLY B 489 -33.07 24.83 11.09
N GLN B 490 -33.10 25.35 9.87
CA GLN B 490 -34.14 26.25 9.40
C GLN B 490 -35.55 25.68 9.60
N ALA B 491 -35.67 24.36 9.45
CA ALA B 491 -36.95 23.66 9.47
C ALA B 491 -37.60 23.61 10.86
N HIS B 492 -36.87 24.03 11.88
CA HIS B 492 -37.39 24.05 13.24
C HIS B 492 -38.12 25.36 13.54
#